data_6R8G
#
_entry.id   6R8G
#
_cell.length_a   84.760
_cell.length_b   106.890
_cell.length_c   145.010
_cell.angle_alpha   90.00
_cell.angle_beta   90.00
_cell.angle_gamma   90.00
#
_symmetry.space_group_name_H-M   'P 21 21 21'
#
loop_
_entity.id
_entity.type
_entity.pdbx_description
1 polymer 'Malate dehydrogenase'
2 non-polymer 4-[3,4-bis(fluoranyl)phenyl]-1,3-thiazol-2-amine
3 non-polymer 'SODIUM ION'
4 non-polymer NICOTINAMIDE-ADENINE-DINUCLEOTIDE
5 water water
#
_entity_poly.entity_id   1
_entity_poly.type   'polypeptide(L)'
_entity_poly.pdbx_seq_one_letter_code
;MTKIALIGSGQIGAIVGELCLLENLGDLILYDVVPGIPQGKALDLKHFSTILGVNRNILGTNQIEDIKDADIIVITAGVQ
RKEGMTREDLIGVNGKIMKSVAESVKLHCSKAFVICVSNPLDIMVNVFHKFSNLPHEKICGMAGILDTSRYCSLIADKLK
VSAEDVNAVILGGHGDLMVPLQRYTSVNGVPLSEFVKKNMISQNEIQEIIQKTRNMGAEIIKLAKASAAFAPAAAITKMI
KSYLYNENNLFTCAVYLNGHYNCSNLFVGSTAKINNKGAHPVEFPLTKEEQDLYTESIASVQSNTQKAFDLIKAAALEHH
HHHH
;
_entity_poly.pdbx_strand_id   A,B,C,D
#
# COMPACT_ATOMS: atom_id res chain seq x y z
N THR A 2 -14.07 11.11 -9.28
CA THR A 2 -14.97 10.21 -8.54
C THR A 2 -15.47 10.89 -7.25
N LYS A 3 -16.79 10.83 -7.01
CA LYS A 3 -17.43 11.42 -5.81
C LYS A 3 -18.12 10.32 -5.00
N ILE A 4 -17.66 10.12 -3.76
CA ILE A 4 -18.19 9.10 -2.82
C ILE A 4 -18.95 9.82 -1.72
N ALA A 5 -20.26 9.58 -1.64
CA ALA A 5 -21.15 10.27 -0.67
C ALA A 5 -21.50 9.32 0.48
N LEU A 6 -21.11 9.69 1.70
CA LEU A 6 -21.43 8.93 2.92
C LEU A 6 -22.64 9.54 3.60
N ILE A 7 -23.81 8.89 3.47
CA ILE A 7 -25.04 9.37 4.12
C ILE A 7 -25.07 8.74 5.52
N GLY A 8 -24.60 9.51 6.49
CA GLY A 8 -24.30 9.04 7.85
C GLY A 8 -22.81 9.15 8.11
N SER A 9 -22.46 9.97 9.08
CA SER A 9 -21.06 10.27 9.48
C SER A 9 -20.82 9.77 10.91
N GLY A 10 -21.41 8.63 11.27
CA GLY A 10 -21.15 7.88 12.51
C GLY A 10 -19.88 7.04 12.34
N GLN A 11 -19.74 6.02 13.17
CA GLN A 11 -18.47 5.27 13.28
C GLN A 11 -18.18 4.60 11.94
N ILE A 12 -19.17 3.93 11.38
CA ILE A 12 -18.96 3.16 10.12
C ILE A 12 -18.69 4.15 8.98
N GLY A 13 -19.49 5.22 8.86
CA GLY A 13 -19.30 6.15 7.74
C GLY A 13 -17.93 6.79 7.77
N ALA A 14 -17.44 7.16 8.96
CA ALA A 14 -16.14 7.86 9.06
C ALA A 14 -15.02 6.89 8.67
N ILE A 15 -15.14 5.64 9.09
CA ILE A 15 -14.08 4.63 8.77
C ILE A 15 -14.14 4.25 7.29
N VAL A 16 -15.31 4.20 6.69
CA VAL A 16 -15.43 4.05 5.21
C VAL A 16 -14.73 5.23 4.54
N GLY A 17 -14.96 6.44 5.00
CA GLY A 17 -14.22 7.60 4.48
C GLY A 17 -12.72 7.41 4.59
N GLU A 18 -12.26 7.05 5.79
CA GLU A 18 -10.82 6.81 6.07
C GLU A 18 -10.23 5.79 5.06
N LEU A 19 -10.90 4.66 4.86
CA LEU A 19 -10.42 3.55 4.01
C LEU A 19 -10.49 4.00 2.56
N CYS A 20 -11.50 4.79 2.14
CA CYS A 20 -11.54 5.33 0.76
C CYS A 20 -10.37 6.31 0.51
N LEU A 21 -9.97 7.10 1.51
CA LEU A 21 -8.81 8.02 1.41
C LEU A 21 -7.52 7.20 1.31
N LEU A 22 -7.32 6.21 2.16
CA LEU A 22 -6.10 5.37 2.12
C LEU A 22 -6.00 4.67 0.77
N GLU A 23 -7.10 4.19 0.21
CA GLU A 23 -7.13 3.38 -1.04
C GLU A 23 -7.19 4.37 -2.21
N ASN A 24 -7.24 5.68 -1.97
CA ASN A 24 -7.35 6.72 -3.02
C ASN A 24 -8.55 6.49 -3.97
N LEU A 25 -9.74 6.11 -3.48
CA LEU A 25 -10.88 5.75 -4.37
C LEU A 25 -11.61 6.98 -4.91
N GLY A 26 -11.55 8.12 -4.20
CA GLY A 26 -12.34 9.29 -4.61
C GLY A 26 -12.34 10.42 -3.61
N ASP A 27 -12.91 11.54 -4.02
CA ASP A 27 -13.30 12.67 -3.13
C ASP A 27 -14.52 12.22 -2.30
N LEU A 28 -14.60 12.70 -1.07
CA LEU A 28 -15.65 12.29 -0.12
C LEU A 28 -16.61 13.46 0.12
N ILE A 29 -17.86 13.09 0.27
CA ILE A 29 -18.88 13.94 0.92
C ILE A 29 -19.35 13.22 2.16
N LEU A 30 -19.12 13.79 3.32
CA LEU A 30 -19.57 13.24 4.62
C LEU A 30 -20.84 14.01 4.96
N TYR A 31 -22.00 13.33 4.89
CA TYR A 31 -23.31 13.96 5.22
C TYR A 31 -23.81 13.39 6.55
N ASP A 32 -24.43 14.23 7.36
CA ASP A 32 -25.17 13.77 8.57
C ASP A 32 -26.26 14.79 8.88
N VAL A 33 -27.33 14.34 9.56
CA VAL A 33 -28.41 15.25 10.01
C VAL A 33 -27.93 16.14 11.16
N VAL A 34 -26.98 15.70 11.96
CA VAL A 34 -26.54 16.44 13.19
C VAL A 34 -25.57 17.56 12.78
N PRO A 35 -25.92 18.83 13.05
CA PRO A 35 -25.06 19.96 12.73
C PRO A 35 -23.66 19.80 13.34
N GLY A 36 -22.62 19.97 12.52
CA GLY A 36 -21.22 20.02 13.00
C GLY A 36 -20.49 18.68 12.92
N ILE A 37 -21.17 17.56 13.11
CA ILE A 37 -20.49 16.24 13.20
C ILE A 37 -19.71 15.97 11.92
N PRO A 38 -20.31 16.05 10.72
CA PRO A 38 -19.55 15.75 9.50
C PRO A 38 -18.42 16.77 9.24
N GLN A 39 -18.63 18.03 9.58
CA GLN A 39 -17.62 19.12 9.45
C GLN A 39 -16.40 18.75 10.32
N GLY A 40 -16.61 18.37 11.57
CA GLY A 40 -15.54 18.04 12.51
C GLY A 40 -14.75 16.79 12.04
N LYS A 41 -15.44 15.76 11.65
CA LYS A 41 -14.83 14.50 11.15
C LYS A 41 -14.12 14.77 9.83
N ALA A 42 -14.65 15.65 8.97
CA ALA A 42 -13.97 16.04 7.73
C ALA A 42 -12.66 16.72 8.05
N LEU A 43 -12.63 17.62 9.03
CA LEU A 43 -11.37 18.29 9.44
C LEU A 43 -10.35 17.23 9.86
N ASP A 44 -10.78 16.30 10.71
CA ASP A 44 -9.90 15.24 11.24
C ASP A 44 -9.33 14.43 10.06
N LEU A 45 -10.19 14.02 9.12
CA LEU A 45 -9.76 13.17 7.99
C LEU A 45 -8.88 13.97 7.02
N LYS A 46 -9.03 15.30 6.93
CA LYS A 46 -8.12 16.14 6.12
C LYS A 46 -6.74 16.11 6.78
N HIS A 47 -6.65 16.24 8.10
CA HIS A 47 -5.34 16.27 8.78
C HIS A 47 -4.69 14.89 8.68
N PHE A 48 -5.47 13.83 8.82
CA PHE A 48 -5.05 12.44 8.64
C PHE A 48 -4.46 12.28 7.22
N SER A 49 -5.16 12.80 6.21
CA SER A 49 -4.73 12.74 4.78
C SER A 49 -3.34 13.37 4.62
N THR A 50 -3.12 14.51 5.23
CA THR A 50 -1.89 15.30 5.13
C THR A 50 -0.76 14.46 5.73
N ILE A 51 -1.02 13.82 6.89
CA ILE A 51 0.05 13.03 7.57
C ILE A 51 0.39 11.85 6.67
N LEU A 52 -0.59 11.24 6.00
CA LEU A 52 -0.33 10.00 5.24
C LEU A 52 -0.03 10.27 3.77
N GLY A 53 -0.03 11.50 3.26
CA GLY A 53 0.33 11.75 1.84
C GLY A 53 -0.80 11.47 0.89
N VAL A 54 -2.04 11.59 1.32
CA VAL A 54 -3.26 11.45 0.47
C VAL A 54 -3.74 12.86 0.08
N ASN A 55 -4.30 12.99 -1.13
CA ASN A 55 -4.58 14.29 -1.79
C ASN A 55 -6.06 14.48 -2.09
N ARG A 56 -6.97 13.62 -1.64
CA ARG A 56 -8.40 13.75 -2.02
C ARG A 56 -9.15 14.80 -1.20
N ASN A 57 -10.14 15.42 -1.81
CA ASN A 57 -10.98 16.44 -1.16
C ASN A 57 -11.96 15.70 -0.24
N ILE A 58 -12.27 16.30 0.89
CA ILE A 58 -13.26 15.81 1.89
C ILE A 58 -14.17 16.99 2.24
N LEU A 59 -15.49 16.88 2.01
CA LEU A 59 -16.45 17.92 2.45
C LEU A 59 -17.35 17.28 3.49
N GLY A 60 -17.46 17.92 4.66
CA GLY A 60 -18.50 17.59 5.65
C GLY A 60 -19.67 18.55 5.45
N THR A 61 -20.90 18.06 5.45
CA THR A 61 -22.05 18.93 5.14
C THR A 61 -23.30 18.40 5.84
N ASN A 62 -24.21 19.33 6.15
CA ASN A 62 -25.56 19.02 6.66
C ASN A 62 -26.57 19.27 5.53
N GLN A 63 -26.13 19.46 4.29
CA GLN A 63 -27.04 19.73 3.15
C GLN A 63 -27.03 18.51 2.24
N ILE A 64 -28.08 17.71 2.23
CA ILE A 64 -28.11 16.39 1.55
C ILE A 64 -27.99 16.60 0.04
N GLU A 65 -28.43 17.73 -0.50
CA GLU A 65 -28.27 18.06 -1.95
C GLU A 65 -26.77 18.10 -2.33
N ASP A 66 -25.84 18.22 -1.38
CA ASP A 66 -24.39 18.18 -1.69
C ASP A 66 -24.00 16.80 -2.19
N ILE A 67 -24.87 15.78 -2.13
CA ILE A 67 -24.56 14.44 -2.70
C ILE A 67 -24.69 14.48 -4.23
N LYS A 68 -25.08 15.60 -4.82
CA LYS A 68 -25.41 15.73 -6.27
C LYS A 68 -24.36 15.03 -7.14
N ASP A 69 -24.78 14.15 -8.05
CA ASP A 69 -23.91 13.47 -9.04
C ASP A 69 -22.83 12.64 -8.32
N ALA A 70 -23.07 12.20 -7.09
CA ALA A 70 -22.22 11.18 -6.45
C ALA A 70 -22.16 9.92 -7.34
N ASP A 71 -20.98 9.30 -7.48
CA ASP A 71 -20.83 7.98 -8.14
C ASP A 71 -21.27 6.84 -7.20
N ILE A 72 -21.06 7.04 -5.91
CA ILE A 72 -21.18 6.02 -4.84
C ILE A 72 -21.94 6.64 -3.68
N ILE A 73 -22.88 5.91 -3.16
CA ILE A 73 -23.63 6.30 -1.94
C ILE A 73 -23.43 5.14 -0.96
N VAL A 74 -23.04 5.46 0.27
CA VAL A 74 -23.08 4.52 1.40
C VAL A 74 -24.09 5.04 2.41
N ILE A 75 -25.13 4.27 2.73
CA ILE A 75 -26.14 4.75 3.71
C ILE A 75 -25.97 4.04 5.05
N THR A 76 -25.59 4.77 6.08
CA THR A 76 -25.53 4.28 7.48
C THR A 76 -26.51 5.08 8.34
N ALA A 77 -27.27 6.01 7.77
CA ALA A 77 -28.29 6.80 8.49
C ALA A 77 -29.27 5.84 9.17
N GLY A 78 -29.50 5.95 10.46
CA GLY A 78 -30.23 4.88 11.20
C GLY A 78 -30.00 5.07 12.68
N VAL A 79 -30.56 4.20 13.50
CA VAL A 79 -30.03 3.90 14.87
C VAL A 79 -29.47 2.48 14.80
N GLN A 80 -28.49 2.19 15.66
CA GLN A 80 -27.97 0.81 15.88
C GLN A 80 -28.77 0.16 17.02
N ARG A 81 -28.61 -1.15 17.10
CA ARG A 81 -29.10 -2.01 18.22
C ARG A 81 -28.05 -1.96 19.36
N LYS A 82 -28.53 -1.91 20.61
CA LYS A 82 -27.70 -2.06 21.84
C LYS A 82 -27.91 -3.48 22.40
N GLU A 83 -27.21 -3.84 23.49
CA GLU A 83 -27.28 -5.20 24.10
C GLU A 83 -28.70 -5.44 24.62
N GLY A 84 -29.30 -6.59 24.32
CA GLY A 84 -30.69 -6.95 24.69
C GLY A 84 -31.62 -6.85 23.50
N MET A 85 -31.18 -6.23 22.39
CA MET A 85 -31.94 -5.87 21.15
C MET A 85 -31.54 -6.77 19.96
N THR A 86 -32.51 -7.32 19.22
CA THR A 86 -32.33 -7.90 17.86
C THR A 86 -32.14 -6.78 16.82
N ARG A 87 -31.59 -7.12 15.64
CA ARG A 87 -31.49 -6.19 14.49
C ARG A 87 -32.91 -5.72 14.12
N GLU A 88 -33.91 -6.59 14.24
CA GLU A 88 -35.26 -6.53 13.59
C GLU A 88 -36.22 -5.55 14.31
N ASP A 89 -35.92 -5.20 15.57
CA ASP A 89 -36.74 -4.31 16.44
C ASP A 89 -36.89 -2.91 15.82
N LEU A 90 -35.78 -2.42 15.22
CA LEU A 90 -35.46 -1.04 14.70
C LEU A 90 -36.31 -0.61 13.50
N ILE A 91 -37.12 -1.48 12.95
CA ILE A 91 -37.83 -1.21 11.66
C ILE A 91 -38.57 0.13 11.58
N GLY A 92 -39.22 0.62 12.63
CA GLY A 92 -40.07 1.82 12.47
C GLY A 92 -39.42 3.17 12.19
N VAL A 93 -38.43 3.56 12.99
CA VAL A 93 -37.70 4.86 12.86
C VAL A 93 -36.70 4.77 11.68
N ASN A 94 -36.00 3.65 11.50
CA ASN A 94 -35.01 3.44 10.42
C ASN A 94 -35.70 3.41 9.06
N GLY A 95 -36.93 2.89 9.01
CA GLY A 95 -37.74 2.84 7.79
C GLY A 95 -37.99 4.23 7.25
N LYS A 96 -38.43 5.13 8.12
CA LYS A 96 -38.77 6.54 7.77
C LYS A 96 -37.50 7.25 7.33
N ILE A 97 -36.40 6.97 8.02
CA ILE A 97 -35.10 7.60 7.67
C ILE A 97 -34.69 7.15 6.27
N MET A 98 -34.77 5.82 6.01
CA MET A 98 -34.31 5.26 4.73
C MET A 98 -35.21 5.80 3.62
N LYS A 99 -36.51 5.96 3.89
CA LYS A 99 -37.46 6.48 2.86
C LYS A 99 -37.04 7.89 2.45
N SER A 100 -36.76 8.74 3.43
CA SER A 100 -36.36 10.16 3.20
C SER A 100 -35.01 10.20 2.41
N VAL A 101 -34.04 9.37 2.81
CA VAL A 101 -32.75 9.28 2.07
C VAL A 101 -33.03 8.83 0.63
N ALA A 102 -33.86 7.81 0.45
CA ALA A 102 -34.22 7.27 -0.87
C ALA A 102 -34.75 8.40 -1.74
N GLU A 103 -35.64 9.23 -1.22
CA GLU A 103 -36.22 10.39 -1.96
C GLU A 103 -35.11 11.37 -2.37
N SER A 104 -34.20 11.67 -1.45
CA SER A 104 -33.10 12.61 -1.78
C SER A 104 -32.16 11.99 -2.85
N VAL A 105 -31.87 10.70 -2.79
CA VAL A 105 -30.94 10.06 -3.77
C VAL A 105 -31.59 10.10 -5.17
N LYS A 106 -32.87 9.81 -5.23
CA LYS A 106 -33.65 9.89 -6.50
C LYS A 106 -33.55 11.30 -7.10
N LEU A 107 -33.69 12.34 -6.28
CA LEU A 107 -33.59 13.75 -6.72
C LEU A 107 -32.16 14.05 -7.17
N HIS A 108 -31.15 13.70 -6.38
CA HIS A 108 -29.83 14.37 -6.50
C HIS A 108 -28.77 13.50 -7.21
N CYS A 109 -28.84 12.18 -7.17
CA CYS A 109 -27.78 11.30 -7.72
C CYS A 109 -28.41 9.96 -8.06
N SER A 110 -29.35 9.97 -9.00
CA SER A 110 -30.15 8.79 -9.39
C SER A 110 -29.28 7.77 -10.13
N LYS A 111 -28.06 8.12 -10.55
CA LYS A 111 -27.13 7.22 -11.29
C LYS A 111 -26.07 6.69 -10.31
N ALA A 112 -26.17 6.98 -9.04
CA ALA A 112 -25.22 6.44 -8.04
C ALA A 112 -25.42 4.92 -7.88
N PHE A 113 -24.33 4.21 -7.54
CA PHE A 113 -24.37 2.86 -6.96
C PHE A 113 -24.58 3.03 -5.46
N VAL A 114 -25.60 2.38 -4.93
CA VAL A 114 -26.05 2.60 -3.53
C VAL A 114 -25.76 1.35 -2.70
N ILE A 115 -24.98 1.51 -1.63
CA ILE A 115 -24.70 0.43 -0.64
C ILE A 115 -25.40 0.82 0.67
N CYS A 116 -26.45 0.10 1.02
CA CYS A 116 -27.28 0.30 2.24
C CYS A 116 -26.65 -0.49 3.37
N VAL A 117 -26.55 0.12 4.54
CA VAL A 117 -25.87 -0.50 5.70
C VAL A 117 -26.75 -0.49 6.95
N SER A 118 -27.73 0.40 7.04
CA SER A 118 -28.71 0.50 8.15
C SER A 118 -29.40 -0.82 8.49
N ASN A 119 -29.64 -1.07 9.77
CA ASN A 119 -30.32 -2.31 10.22
C ASN A 119 -31.81 -2.03 10.37
N PRO A 120 -32.67 -3.06 10.22
CA PRO A 120 -32.25 -4.40 9.78
C PRO A 120 -31.90 -4.43 8.28
N LEU A 121 -30.77 -5.03 7.94
CA LEU A 121 -30.07 -4.74 6.66
C LEU A 121 -30.97 -5.12 5.46
N ASP A 122 -31.52 -6.33 5.41
CA ASP A 122 -32.18 -6.79 4.16
C ASP A 122 -33.47 -6.00 4.00
N ILE A 123 -34.13 -5.63 5.12
CA ILE A 123 -35.39 -4.85 5.10
C ILE A 123 -35.08 -3.46 4.55
N MET A 124 -34.06 -2.79 5.10
CA MET A 124 -33.77 -1.39 4.75
C MET A 124 -33.31 -1.30 3.28
N VAL A 125 -32.69 -2.33 2.71
CA VAL A 125 -32.39 -2.33 1.24
C VAL A 125 -33.71 -2.29 0.44
N ASN A 126 -34.68 -3.12 0.81
CA ASN A 126 -36.01 -3.18 0.14
C ASN A 126 -36.72 -1.82 0.30
N VAL A 127 -36.58 -1.19 1.47
CA VAL A 127 -37.23 0.13 1.68
C VAL A 127 -36.59 1.15 0.73
N PHE A 128 -35.27 1.16 0.63
CA PHE A 128 -34.51 2.09 -0.22
C PHE A 128 -34.99 1.90 -1.69
N HIS A 129 -35.09 0.67 -2.16
CA HIS A 129 -35.52 0.43 -3.56
C HIS A 129 -36.92 1.00 -3.76
N LYS A 130 -37.82 0.72 -2.84
CA LYS A 130 -39.26 1.04 -3.04
C LYS A 130 -39.44 2.56 -3.22
N PHE A 131 -38.71 3.37 -2.44
CA PHE A 131 -38.94 4.83 -2.41
C PHE A 131 -37.92 5.58 -3.27
N SER A 132 -36.88 4.93 -3.78
CA SER A 132 -35.89 5.59 -4.69
C SER A 132 -36.28 5.37 -6.15
N ASN A 133 -36.82 4.20 -6.45
CA ASN A 133 -37.03 3.69 -7.84
C ASN A 133 -35.72 3.66 -8.61
N LEU A 134 -34.57 3.56 -7.94
CA LEU A 134 -33.29 3.35 -8.65
C LEU A 134 -33.34 1.96 -9.29
N PRO A 135 -32.60 1.73 -10.39
CA PRO A 135 -32.51 0.41 -11.02
C PRO A 135 -32.07 -0.66 -10.02
N HIS A 136 -32.62 -1.86 -10.11
CA HIS A 136 -32.46 -2.94 -9.09
C HIS A 136 -30.94 -3.26 -8.91
N GLU A 137 -30.20 -3.29 -10.01
CA GLU A 137 -28.78 -3.72 -10.03
C GLU A 137 -27.90 -2.60 -9.45
N LYS A 138 -28.43 -1.39 -9.18
CA LYS A 138 -27.63 -0.26 -8.68
C LYS A 138 -27.83 -0.14 -7.18
N ILE A 139 -28.48 -1.12 -6.57
CA ILE A 139 -28.80 -1.07 -5.12
C ILE A 139 -28.34 -2.40 -4.52
N CYS A 140 -27.65 -2.33 -3.39
CA CYS A 140 -27.29 -3.55 -2.63
C CYS A 140 -27.18 -3.19 -1.14
N GLY A 141 -26.94 -4.22 -0.36
CA GLY A 141 -26.70 -4.10 1.08
C GLY A 141 -25.45 -4.86 1.41
N MET A 142 -24.64 -4.30 2.31
CA MET A 142 -23.47 -5.03 2.84
C MET A 142 -23.95 -5.87 4.00
N ALA A 143 -23.83 -7.19 3.92
CA ALA A 143 -23.95 -8.10 5.11
C ALA A 143 -23.07 -9.34 4.92
N GLY A 144 -23.23 -10.07 3.82
CA GLY A 144 -22.59 -11.38 3.63
C GLY A 144 -21.07 -11.33 3.77
N ILE A 145 -20.41 -10.24 3.36
CA ILE A 145 -18.92 -10.16 3.43
C ILE A 145 -18.52 -10.18 4.89
N LEU A 146 -19.30 -9.53 5.74
CA LEU A 146 -18.96 -9.42 7.18
C LEU A 146 -19.15 -10.80 7.81
N ASP A 147 -20.29 -11.44 7.55
CA ASP A 147 -20.57 -12.79 8.08
C ASP A 147 -19.49 -13.78 7.61
N THR A 148 -19.20 -13.75 6.31
CA THR A 148 -18.16 -14.59 5.68
C THR A 148 -16.80 -14.35 6.33
N SER A 149 -16.41 -13.10 6.60
CA SER A 149 -15.11 -12.78 7.21
C SER A 149 -15.03 -13.45 8.60
N ARG A 150 -16.11 -13.47 9.36
CA ARG A 150 -16.12 -14.08 10.72
C ARG A 150 -15.94 -15.59 10.63
N TYR A 151 -16.74 -16.22 9.78
CA TYR A 151 -16.74 -17.67 9.58
C TYR A 151 -15.38 -18.10 9.06
N CYS A 152 -14.84 -17.41 8.06
CA CYS A 152 -13.53 -17.78 7.45
C CYS A 152 -12.40 -17.56 8.48
N SER A 153 -12.45 -16.49 9.28
CA SER A 153 -11.45 -16.21 10.34
C SER A 153 -11.44 -17.38 11.32
N LEU A 154 -12.63 -17.81 11.74
CA LEU A 154 -12.73 -18.89 12.76
C LEU A 154 -12.24 -20.23 12.19
N ILE A 155 -12.57 -20.51 10.94
CA ILE A 155 -12.12 -21.77 10.28
C ILE A 155 -10.58 -21.69 10.18
N ALA A 156 -10.04 -20.56 9.72
CA ALA A 156 -8.58 -20.40 9.57
C ALA A 156 -7.87 -20.59 10.93
N ASP A 157 -8.41 -20.02 12.00
CA ASP A 157 -7.83 -20.16 13.39
C ASP A 157 -7.74 -21.63 13.76
N LYS A 158 -8.81 -22.40 13.53
CA LYS A 158 -8.88 -23.82 13.95
C LYS A 158 -7.89 -24.65 13.13
N LEU A 159 -7.76 -24.40 11.82
CA LEU A 159 -6.89 -25.18 10.91
C LEU A 159 -5.44 -24.69 11.00
N LYS A 160 -5.17 -23.61 11.73
CA LYS A 160 -3.83 -23.00 11.90
C LYS A 160 -3.27 -22.61 10.52
N VAL A 161 -4.09 -21.93 9.72
CA VAL A 161 -3.69 -21.39 8.40
C VAL A 161 -4.03 -19.92 8.36
N SER A 162 -3.36 -19.19 7.48
CA SER A 162 -3.79 -17.84 7.09
C SER A 162 -5.26 -17.91 6.68
N ALA A 163 -6.00 -16.82 6.91
CA ALA A 163 -7.35 -16.62 6.35
C ALA A 163 -7.31 -16.18 4.87
N GLU A 164 -6.17 -15.78 4.29
CA GLU A 164 -6.15 -15.12 2.95
C GLU A 164 -6.81 -15.99 1.89
N ASP A 165 -6.73 -17.30 1.99
CA ASP A 165 -7.26 -18.19 0.92
C ASP A 165 -8.41 -19.07 1.46
N VAL A 166 -9.00 -18.72 2.59
CA VAL A 166 -10.25 -19.37 3.09
C VAL A 166 -11.45 -18.57 2.57
N ASN A 167 -12.30 -19.22 1.82
CA ASN A 167 -13.42 -18.61 1.10
C ASN A 167 -14.68 -19.41 1.43
N ALA A 168 -15.83 -18.75 1.45
CA ALA A 168 -17.10 -19.43 1.73
C ALA A 168 -18.27 -18.64 1.16
N VAL A 169 -19.30 -19.35 0.81
CA VAL A 169 -20.61 -18.73 0.44
C VAL A 169 -21.49 -18.76 1.67
N ILE A 170 -21.95 -17.61 2.09
CA ILE A 170 -23.03 -17.47 3.12
C ILE A 170 -24.23 -16.73 2.49
N LEU A 171 -25.37 -17.41 2.41
CA LEU A 171 -26.65 -16.89 1.85
C LEU A 171 -27.54 -16.32 2.98
N GLY A 172 -28.47 -15.42 2.64
CA GLY A 172 -29.52 -14.87 3.55
C GLY A 172 -29.06 -13.67 4.34
N GLY A 173 -29.71 -13.35 5.48
CA GLY A 173 -29.37 -12.18 6.33
C GLY A 173 -28.52 -12.53 7.54
N HIS A 174 -28.48 -11.65 8.54
CA HIS A 174 -27.75 -11.86 9.82
C HIS A 174 -28.50 -12.85 10.74
N GLY A 175 -27.79 -13.48 11.68
CA GLY A 175 -28.33 -14.25 12.82
C GLY A 175 -29.03 -15.50 12.37
N ASP A 176 -30.28 -15.69 12.74
CA ASP A 176 -31.05 -16.88 12.30
C ASP A 176 -31.27 -16.87 10.78
N LEU A 177 -31.23 -15.71 10.14
CA LEU A 177 -31.46 -15.57 8.69
C LEU A 177 -30.26 -16.15 7.89
N MET A 178 -29.16 -16.51 8.55
CA MET A 178 -27.87 -16.77 7.88
C MET A 178 -27.79 -18.23 7.44
N VAL A 179 -27.39 -18.51 6.20
CA VAL A 179 -27.20 -19.92 5.71
C VAL A 179 -25.78 -20.08 5.14
N PRO A 180 -24.80 -20.49 5.97
CA PRO A 180 -23.45 -20.78 5.51
C PRO A 180 -23.42 -22.14 4.80
N LEU A 181 -22.64 -22.28 3.74
CA LEU A 181 -22.59 -23.54 2.93
C LEU A 181 -21.21 -24.16 3.05
N GLN A 182 -21.08 -25.18 3.89
CA GLN A 182 -19.84 -25.96 4.02
C GLN A 182 -19.38 -26.47 2.66
N ARG A 183 -20.30 -26.83 1.78
CA ARG A 183 -19.97 -27.42 0.46
C ARG A 183 -19.33 -26.34 -0.41
N TYR A 184 -19.56 -25.06 -0.14
CA TYR A 184 -18.96 -23.93 -0.89
C TYR A 184 -18.02 -23.17 0.06
N THR A 185 -17.35 -23.90 0.93
CA THR A 185 -16.23 -23.41 1.74
C THR A 185 -14.94 -24.11 1.29
N SER A 186 -13.87 -23.36 1.04
CA SER A 186 -12.60 -23.96 0.56
C SER A 186 -11.42 -23.25 1.21
N VAL A 187 -10.33 -23.99 1.33
CA VAL A 187 -9.02 -23.53 1.83
C VAL A 187 -8.03 -23.69 0.68
N ASN A 188 -7.73 -22.57 0.04
CA ASN A 188 -6.88 -22.50 -1.17
C ASN A 188 -7.33 -23.56 -2.18
N GLY A 189 -8.64 -23.60 -2.45
CA GLY A 189 -9.23 -24.52 -3.44
C GLY A 189 -9.71 -25.83 -2.85
N VAL A 190 -9.19 -26.23 -1.67
CA VAL A 190 -9.49 -27.57 -1.07
C VAL A 190 -10.78 -27.49 -0.27
N PRO A 191 -11.81 -28.28 -0.63
CA PRO A 191 -13.07 -28.22 0.12
C PRO A 191 -12.86 -28.44 1.63
N LEU A 192 -13.65 -27.76 2.44
CA LEU A 192 -13.69 -27.94 3.91
C LEU A 192 -13.80 -29.43 4.28
N SER A 193 -14.64 -30.19 3.59
CA SER A 193 -14.90 -31.64 3.87
C SER A 193 -13.59 -32.46 3.86
N GLU A 194 -12.55 -32.07 3.09
CA GLU A 194 -11.26 -32.80 3.11
C GLU A 194 -10.55 -32.60 4.46
N PHE A 195 -10.73 -31.44 5.10
CA PHE A 195 -10.14 -31.14 6.44
C PHE A 195 -10.88 -31.97 7.49
N VAL A 196 -12.20 -32.15 7.34
CA VAL A 196 -12.98 -33.03 8.25
C VAL A 196 -12.43 -34.45 8.13
N LYS A 197 -12.32 -34.94 6.90
CA LYS A 197 -11.77 -36.27 6.55
C LYS A 197 -10.39 -36.45 7.19
N LYS A 198 -9.53 -35.43 7.21
CA LYS A 198 -8.16 -35.52 7.81
C LYS A 198 -8.19 -35.29 9.33
N ASN A 199 -9.36 -35.12 9.94
CA ASN A 199 -9.52 -34.86 11.41
C ASN A 199 -8.72 -33.63 11.81
N MET A 200 -8.68 -32.60 10.97
CA MET A 200 -8.04 -31.31 11.33
C MET A 200 -9.12 -30.39 11.92
N ILE A 201 -10.38 -30.70 11.65
CA ILE A 201 -11.56 -29.99 12.24
C ILE A 201 -12.72 -30.99 12.25
N SER A 202 -13.60 -30.94 13.24
CA SER A 202 -14.76 -31.87 13.39
C SER A 202 -16.02 -31.14 12.92
N GLN A 203 -17.08 -31.88 12.60
CA GLN A 203 -18.37 -31.27 12.23
C GLN A 203 -18.90 -30.47 13.44
N ASN A 204 -18.62 -30.90 14.66
CA ASN A 204 -19.05 -30.18 15.88
C ASN A 204 -18.33 -28.84 15.96
N GLU A 205 -17.04 -28.82 15.62
CA GLU A 205 -16.29 -27.55 15.61
C GLU A 205 -16.87 -26.62 14.54
N ILE A 206 -17.28 -27.15 13.40
CA ILE A 206 -17.87 -26.30 12.33
C ILE A 206 -19.22 -25.74 12.82
N GLN A 207 -20.04 -26.55 13.48
CA GLN A 207 -21.34 -26.09 14.01
C GLN A 207 -21.09 -24.99 15.03
N GLU A 208 -20.08 -25.14 15.87
CA GLU A 208 -19.79 -24.16 16.94
C GLU A 208 -19.34 -22.85 16.27
N ILE A 209 -18.55 -22.94 15.21
CA ILE A 209 -18.09 -21.77 14.43
C ILE A 209 -19.30 -21.10 13.77
N ILE A 210 -20.26 -21.86 13.26
CA ILE A 210 -21.48 -21.28 12.64
C ILE A 210 -22.27 -20.51 13.70
N GLN A 211 -22.38 -21.05 14.91
CA GLN A 211 -23.08 -20.39 16.04
C GLN A 211 -22.34 -19.11 16.43
N LYS A 212 -21.04 -19.16 16.63
CA LYS A 212 -20.28 -17.92 16.90
C LYS A 212 -20.49 -16.90 15.79
N THR A 213 -20.55 -17.34 14.52
CA THR A 213 -20.76 -16.41 13.38
C THR A 213 -22.13 -15.75 13.53
N ARG A 214 -23.18 -16.51 13.81
CA ARG A 214 -24.55 -15.94 13.88
C ARG A 214 -24.61 -14.89 14.98
N ASN A 215 -23.93 -15.13 16.10
CA ASN A 215 -24.04 -14.39 17.37
C ASN A 215 -22.97 -13.30 17.45
N MET A 216 -22.13 -13.13 16.43
CA MET A 216 -20.91 -12.29 16.54
C MET A 216 -21.28 -10.83 16.77
N GLY A 217 -22.22 -10.33 15.99
CA GLY A 217 -22.67 -8.93 16.15
C GLY A 217 -23.12 -8.65 17.58
N ALA A 218 -23.93 -9.51 18.17
CA ALA A 218 -24.44 -9.34 19.56
C ALA A 218 -23.26 -9.47 20.53
N GLU A 219 -22.29 -10.35 20.24
CA GLU A 219 -21.13 -10.58 21.17
C GLU A 219 -20.26 -9.31 21.20
N ILE A 220 -20.01 -8.70 20.06
CA ILE A 220 -19.22 -7.45 19.96
C ILE A 220 -19.97 -6.35 20.71
N ILE A 221 -21.29 -6.25 20.51
CA ILE A 221 -22.12 -5.23 21.21
C ILE A 221 -21.98 -5.49 22.72
N LYS A 222 -22.04 -6.74 23.15
CA LYS A 222 -22.00 -7.10 24.60
C LYS A 222 -20.63 -6.74 25.19
N LEU A 223 -19.53 -6.90 24.46
CA LEU A 223 -18.16 -6.70 24.98
C LEU A 223 -17.75 -5.22 24.83
N ALA A 224 -17.91 -4.66 23.66
CA ALA A 224 -17.42 -3.32 23.29
C ALA A 224 -18.46 -2.24 23.64
N LYS A 225 -19.68 -2.61 24.04
CA LYS A 225 -20.77 -1.63 24.30
C LYS A 225 -21.01 -0.74 23.07
N ALA A 226 -20.79 -1.27 21.87
CA ALA A 226 -20.95 -0.58 20.58
C ALA A 226 -20.95 -1.65 19.47
N SER A 227 -21.61 -1.42 18.36
CA SER A 227 -21.68 -2.39 17.26
C SER A 227 -20.36 -2.28 16.48
N ALA A 228 -20.05 -3.36 15.81
CA ALA A 228 -18.87 -3.51 14.96
C ALA A 228 -18.76 -2.30 14.02
N ALA A 229 -17.57 -1.80 13.76
CA ALA A 229 -17.37 -0.63 12.86
C ALA A 229 -16.27 -0.87 11.84
N PHE A 230 -15.10 -1.38 12.25
CA PHE A 230 -13.94 -1.57 11.38
C PHE A 230 -14.27 -2.57 10.26
N ALA A 231 -14.76 -3.75 10.62
CA ALA A 231 -15.00 -4.84 9.62
C ALA A 231 -16.14 -4.44 8.67
N PRO A 232 -17.29 -3.92 9.16
CA PRO A 232 -18.30 -3.38 8.26
C PRO A 232 -17.76 -2.36 7.25
N ALA A 233 -16.92 -1.43 7.74
CA ALA A 233 -16.32 -0.39 6.88
C ALA A 233 -15.46 -1.06 5.81
N ALA A 234 -14.64 -2.04 6.19
CA ALA A 234 -13.74 -2.70 5.23
C ALA A 234 -14.59 -3.40 4.18
N ALA A 235 -15.67 -4.08 4.60
CA ALA A 235 -16.56 -4.80 3.67
C ALA A 235 -17.18 -3.84 2.66
N ILE A 236 -17.63 -2.69 3.16
CA ILE A 236 -18.24 -1.64 2.29
C ILE A 236 -17.20 -1.14 1.28
N THR A 237 -15.97 -0.88 1.76
CA THR A 237 -14.88 -0.34 0.92
C THR A 237 -14.54 -1.36 -0.18
N LYS A 238 -14.53 -2.65 0.13
CA LYS A 238 -14.28 -3.69 -0.91
C LYS A 238 -15.36 -3.59 -2.01
N MET A 239 -16.62 -3.44 -1.63
CA MET A 239 -17.74 -3.37 -2.61
C MET A 239 -17.61 -2.10 -3.46
N ILE A 240 -17.28 -0.98 -2.82
CA ILE A 240 -17.04 0.30 -3.54
C ILE A 240 -15.98 0.10 -4.61
N LYS A 241 -14.84 -0.45 -4.21
CA LYS A 241 -13.66 -0.66 -5.10
C LYS A 241 -14.04 -1.57 -6.28
N SER A 242 -14.83 -2.61 -6.04
CA SER A 242 -15.30 -3.51 -7.11
C SER A 242 -16.14 -2.76 -8.16
N TYR A 243 -17.01 -1.86 -7.73
CA TYR A 243 -17.85 -1.05 -8.65
C TYR A 243 -16.99 -0.03 -9.41
N LEU A 244 -16.20 0.76 -8.69
CA LEU A 244 -15.39 1.87 -9.28
C LEU A 244 -14.38 1.32 -10.26
N TYR A 245 -13.70 0.22 -9.97
CA TYR A 245 -12.64 -0.34 -10.84
C TYR A 245 -13.18 -1.49 -11.67
N ASN A 246 -14.49 -1.68 -11.73
CA ASN A 246 -15.10 -2.63 -12.68
C ASN A 246 -14.45 -4.00 -12.48
N GLU A 247 -14.40 -4.51 -11.25
CA GLU A 247 -13.45 -5.61 -10.94
C GLU A 247 -14.12 -6.99 -11.12
N ASN A 248 -15.47 -7.08 -11.12
CA ASN A 248 -16.20 -8.36 -11.07
C ASN A 248 -15.71 -9.23 -9.90
N ASN A 249 -15.45 -8.61 -8.76
CA ASN A 249 -15.22 -9.36 -7.51
C ASN A 249 -16.54 -9.99 -7.07
N LEU A 250 -16.43 -11.10 -6.37
CA LEU A 250 -17.55 -12.01 -6.01
C LEU A 250 -17.87 -11.86 -4.52
N PHE A 251 -19.13 -11.67 -4.20
CA PHE A 251 -19.53 -11.34 -2.81
C PHE A 251 -20.89 -12.00 -2.57
N THR A 252 -21.20 -12.24 -1.33
CA THR A 252 -22.60 -12.33 -0.86
C THR A 252 -22.94 -10.95 -0.33
N CYS A 253 -24.00 -10.38 -0.88
CA CYS A 253 -24.52 -9.07 -0.46
C CYS A 253 -26.02 -9.11 -0.69
N ALA A 254 -26.77 -8.20 -0.08
CA ALA A 254 -28.21 -8.11 -0.37
C ALA A 254 -28.33 -7.60 -1.81
N VAL A 255 -29.01 -8.35 -2.66
CA VAL A 255 -29.15 -8.06 -4.12
C VAL A 255 -30.56 -8.44 -4.55
N TYR A 256 -31.07 -7.85 -5.62
CA TYR A 256 -32.41 -8.15 -6.15
C TYR A 256 -32.41 -9.51 -6.85
N LEU A 257 -33.17 -10.43 -6.28
CA LEU A 257 -33.46 -11.73 -6.91
C LEU A 257 -34.80 -11.60 -7.63
N ASN A 258 -34.83 -12.09 -8.86
CA ASN A 258 -36.11 -12.32 -9.56
C ASN A 258 -36.07 -13.66 -10.29
N GLY A 259 -36.41 -14.73 -9.58
CA GLY A 259 -36.38 -16.11 -10.09
C GLY A 259 -35.29 -16.93 -9.44
N HIS A 260 -34.18 -16.30 -9.11
CA HIS A 260 -33.00 -16.94 -8.49
C HIS A 260 -33.38 -17.58 -7.14
N TYR A 261 -33.01 -18.83 -6.94
CA TYR A 261 -33.16 -19.58 -5.67
C TYR A 261 -34.63 -19.56 -5.22
N ASN A 262 -35.56 -19.64 -6.17
CA ASN A 262 -37.04 -19.65 -5.97
C ASN A 262 -37.52 -18.33 -5.36
N CYS A 263 -36.83 -17.23 -5.59
CA CYS A 263 -37.18 -15.95 -4.93
C CYS A 263 -37.64 -14.95 -5.99
N SER A 264 -38.81 -14.36 -5.76
CA SER A 264 -39.39 -13.35 -6.68
C SER A 264 -39.29 -11.99 -5.99
N ASN A 265 -38.72 -11.01 -6.69
CA ASN A 265 -38.96 -9.57 -6.47
C ASN A 265 -38.61 -9.17 -5.03
N LEU A 266 -37.44 -9.57 -4.55
CA LEU A 266 -36.99 -9.19 -3.19
C LEU A 266 -35.46 -9.05 -3.15
N PHE A 267 -34.97 -8.08 -2.41
CA PHE A 267 -33.53 -7.94 -2.10
C PHE A 267 -33.23 -8.82 -0.87
N VAL A 268 -32.27 -9.72 -1.01
CA VAL A 268 -31.85 -10.64 0.08
C VAL A 268 -30.38 -11.02 -0.18
N GLY A 269 -29.71 -11.41 0.89
CA GLY A 269 -28.31 -11.87 0.83
C GLY A 269 -28.16 -13.03 -0.13
N SER A 270 -27.33 -12.88 -1.15
CA SER A 270 -27.16 -13.90 -2.20
C SER A 270 -25.80 -13.73 -2.88
N THR A 271 -25.44 -14.70 -3.69
CA THR A 271 -24.21 -14.73 -4.49
C THR A 271 -24.36 -13.69 -5.61
N ALA A 272 -23.37 -12.82 -5.77
CA ALA A 272 -23.37 -11.77 -6.79
C ALA A 272 -21.95 -11.42 -7.20
N LYS A 273 -21.82 -10.81 -8.37
CA LYS A 273 -20.56 -10.08 -8.65
C LYS A 273 -20.85 -8.58 -8.79
N ILE A 274 -19.87 -7.77 -8.48
CA ILE A 274 -19.96 -6.29 -8.62
C ILE A 274 -18.96 -5.78 -9.67
N ASN A 275 -19.47 -5.04 -10.63
CA ASN A 275 -18.68 -4.33 -11.67
C ASN A 275 -19.31 -2.94 -11.85
N ASN A 276 -18.86 -2.17 -12.82
CA ASN A 276 -19.27 -0.75 -12.94
C ASN A 276 -20.71 -0.65 -13.44
N LYS A 277 -21.41 -1.77 -13.71
CA LYS A 277 -22.86 -1.71 -14.04
C LYS A 277 -23.67 -2.15 -12.82
N GLY A 278 -23.01 -2.50 -11.71
CA GLY A 278 -23.71 -2.76 -10.45
C GLY A 278 -23.44 -4.14 -9.90
N ALA A 279 -24.45 -4.67 -9.23
CA ALA A 279 -24.46 -5.98 -8.56
C ALA A 279 -25.38 -6.91 -9.34
N HIS A 280 -24.87 -8.06 -9.76
CA HIS A 280 -25.49 -9.03 -10.67
C HIS A 280 -25.57 -10.37 -9.95
N PRO A 281 -26.78 -10.87 -9.62
CA PRO A 281 -26.88 -12.13 -8.92
C PRO A 281 -26.51 -13.29 -9.84
N VAL A 282 -26.06 -14.40 -9.24
CA VAL A 282 -25.88 -15.70 -9.93
C VAL A 282 -26.49 -16.78 -9.02
N GLU A 283 -27.03 -17.81 -9.65
CA GLU A 283 -27.66 -18.93 -8.91
C GLU A 283 -26.75 -20.14 -9.00
N PHE A 284 -26.43 -20.80 -7.89
CA PHE A 284 -25.69 -22.08 -7.86
C PHE A 284 -26.62 -23.22 -7.48
N PRO A 285 -26.29 -24.47 -7.88
CA PRO A 285 -27.07 -25.65 -7.50
C PRO A 285 -27.02 -25.93 -6.00
N LEU A 286 -28.11 -25.69 -5.27
CA LEU A 286 -28.22 -26.05 -3.84
C LEU A 286 -28.83 -27.44 -3.75
N THR A 287 -28.45 -28.16 -2.73
CA THR A 287 -29.12 -29.30 -2.11
C THR A 287 -30.54 -28.92 -1.78
N LYS A 288 -31.40 -29.90 -1.49
CA LYS A 288 -32.78 -29.62 -1.04
C LYS A 288 -32.71 -29.00 0.36
N GLU A 289 -31.86 -29.51 1.24
CA GLU A 289 -31.79 -29.00 2.65
C GLU A 289 -31.18 -27.58 2.62
N GLU A 290 -30.16 -27.32 1.78
CA GLU A 290 -29.57 -25.97 1.62
C GLU A 290 -30.66 -24.98 1.17
N GLN A 291 -31.46 -25.35 0.16
CA GLN A 291 -32.51 -24.48 -0.46
C GLN A 291 -33.65 -24.32 0.56
N ASP A 292 -34.01 -25.35 1.32
CA ASP A 292 -35.07 -25.23 2.36
C ASP A 292 -34.63 -24.17 3.41
N LEU A 293 -33.39 -24.25 3.87
CA LEU A 293 -32.87 -23.26 4.87
C LEU A 293 -32.87 -21.86 4.24
N TYR A 294 -32.45 -21.71 2.97
CA TYR A 294 -32.41 -20.41 2.28
C TYR A 294 -33.84 -19.85 2.17
N THR A 295 -34.80 -20.69 1.72
CA THR A 295 -36.22 -20.32 1.51
C THR A 295 -36.77 -19.83 2.84
N GLU A 296 -36.41 -20.49 3.94
CA GLU A 296 -36.86 -20.07 5.30
C GLU A 296 -36.31 -18.67 5.63
N SER A 297 -35.05 -18.39 5.35
CA SER A 297 -34.43 -17.07 5.58
C SER A 297 -35.13 -16.03 4.69
N ILE A 298 -35.36 -16.37 3.42
CA ILE A 298 -36.03 -15.46 2.44
C ILE A 298 -37.45 -15.15 2.94
N ALA A 299 -38.20 -16.14 3.42
CA ALA A 299 -39.59 -15.95 3.92
C ALA A 299 -39.62 -14.95 5.08
N SER A 300 -38.65 -15.03 5.99
CA SER A 300 -38.52 -14.11 7.15
C SER A 300 -38.26 -12.66 6.67
N VAL A 301 -37.37 -12.47 5.70
CA VAL A 301 -37.08 -11.14 5.08
C VAL A 301 -38.34 -10.62 4.37
N GLN A 302 -39.00 -11.46 3.58
CA GLN A 302 -40.28 -11.13 2.90
C GLN A 302 -41.28 -10.60 3.95
N SER A 303 -41.44 -11.36 5.03
CA SER A 303 -42.47 -11.08 6.07
C SER A 303 -42.12 -9.75 6.76
N ASN A 304 -40.84 -9.54 7.09
CA ASN A 304 -40.39 -8.33 7.82
C ASN A 304 -40.43 -7.10 6.90
N THR A 305 -40.16 -7.29 5.61
CA THR A 305 -40.21 -6.19 4.62
C THR A 305 -41.66 -5.72 4.52
N GLN A 306 -42.60 -6.64 4.38
CA GLN A 306 -44.05 -6.32 4.37
C GLN A 306 -44.41 -5.53 5.63
N LYS A 307 -43.97 -6.00 6.81
CA LYS A 307 -44.27 -5.34 8.11
C LYS A 307 -43.74 -3.90 8.05
N ALA A 308 -42.53 -3.74 7.52
CA ALA A 308 -41.84 -2.44 7.46
C ALA A 308 -42.64 -1.47 6.59
N PHE A 309 -43.15 -1.91 5.43
CA PHE A 309 -43.88 -1.02 4.50
C PHE A 309 -45.14 -0.52 5.20
N ASP A 310 -45.82 -1.40 5.94
CA ASP A 310 -47.05 -1.06 6.73
C ASP A 310 -46.69 -0.03 7.80
N LEU A 311 -45.65 -0.28 8.62
CA LEU A 311 -45.20 0.67 9.69
C LEU A 311 -44.91 2.02 9.06
N ILE A 312 -44.09 2.05 8.00
CA ILE A 312 -43.95 3.26 7.15
C ILE A 312 -45.33 3.52 6.51
N THR B 2 -9.81 4.87 -17.12
CA THR B 2 -8.50 5.48 -17.39
C THR B 2 -7.64 4.52 -18.23
N LYS B 3 -7.10 5.04 -19.32
CA LYS B 3 -6.26 4.29 -20.28
C LYS B 3 -4.86 4.93 -20.32
N ILE B 4 -3.84 4.15 -19.95
CA ILE B 4 -2.44 4.59 -19.88
C ILE B 4 -1.71 3.87 -21.01
N ALA B 5 -1.19 4.63 -21.97
CA ALA B 5 -0.48 4.09 -23.14
C ALA B 5 1.03 4.28 -22.94
N LEU B 6 1.76 3.16 -22.90
CA LEU B 6 3.23 3.14 -22.87
C LEU B 6 3.75 2.97 -24.30
N ILE B 7 4.30 4.03 -24.86
CA ILE B 7 4.92 4.02 -26.22
C ILE B 7 6.38 3.66 -26.00
N GLY B 8 6.69 2.39 -26.09
CA GLY B 8 7.99 1.83 -25.70
C GLY B 8 7.77 0.82 -24.60
N SER B 9 8.10 -0.44 -24.88
CA SER B 9 7.92 -1.56 -23.93
C SER B 9 9.28 -2.14 -23.54
N GLY B 10 10.31 -1.28 -23.42
CA GLY B 10 11.64 -1.60 -22.85
C GLY B 10 11.59 -1.55 -21.32
N GLN B 11 12.76 -1.48 -20.69
CA GLN B 11 12.91 -1.68 -19.24
C GLN B 11 12.11 -0.61 -18.50
N ILE B 12 12.22 0.67 -18.90
CA ILE B 12 11.51 1.75 -18.17
C ILE B 12 10.00 1.61 -18.39
N GLY B 13 9.55 1.36 -19.60
CA GLY B 13 8.11 1.29 -19.91
C GLY B 13 7.47 0.14 -19.13
N ALA B 14 8.15 -1.00 -19.06
CA ALA B 14 7.58 -2.18 -18.37
C ALA B 14 7.43 -1.86 -16.88
N ILE B 15 8.42 -1.19 -16.29
CA ILE B 15 8.40 -0.92 -14.83
C ILE B 15 7.36 0.18 -14.54
N VAL B 16 7.19 1.15 -15.43
CA VAL B 16 6.07 2.13 -15.32
C VAL B 16 4.77 1.37 -15.34
N GLY B 17 4.60 0.44 -16.26
CA GLY B 17 3.40 -0.42 -16.29
C GLY B 17 3.17 -1.10 -14.96
N GLU B 18 4.23 -1.77 -14.45
CA GLU B 18 4.19 -2.47 -13.16
C GLU B 18 3.70 -1.54 -12.05
N LEU B 19 4.29 -0.36 -11.94
CA LEU B 19 4.00 0.60 -10.83
C LEU B 19 2.61 1.15 -11.02
N CYS B 20 2.14 1.40 -12.25
CA CYS B 20 0.74 1.82 -12.50
C CYS B 20 -0.25 0.73 -12.05
N LEU B 21 0.06 -0.55 -12.25
CA LEU B 21 -0.78 -1.68 -11.78
C LEU B 21 -0.76 -1.73 -10.25
N LEU B 22 0.39 -1.67 -9.60
CA LEU B 22 0.45 -1.69 -8.13
C LEU B 22 -0.34 -0.52 -7.55
N GLU B 23 -0.27 0.68 -8.16
CA GLU B 23 -0.92 1.92 -7.63
C GLU B 23 -2.37 1.92 -8.12
N ASN B 24 -2.80 0.95 -8.92
CA ASN B 24 -4.16 0.90 -9.48
C ASN B 24 -4.52 2.17 -10.29
N LEU B 25 -3.64 2.73 -11.13
CA LEU B 25 -3.91 4.02 -11.81
C LEU B 25 -4.77 3.86 -13.05
N GLY B 26 -4.74 2.71 -13.68
CA GLY B 26 -5.50 2.55 -14.94
C GLY B 26 -5.19 1.25 -15.64
N ASP B 27 -5.92 1.05 -16.73
CA ASP B 27 -5.66 -0.01 -17.71
C ASP B 27 -4.44 0.41 -18.51
N LEU B 28 -3.66 -0.57 -18.94
CA LEU B 28 -2.40 -0.33 -19.66
C LEU B 28 -2.53 -0.81 -21.10
N ILE B 29 -1.93 -0.03 -21.98
CA ILE B 29 -1.56 -0.44 -23.35
C ILE B 29 -0.04 -0.38 -23.44
N LEU B 30 0.58 -1.53 -23.64
CA LEU B 30 2.04 -1.65 -23.83
C LEU B 30 2.25 -1.72 -25.34
N TYR B 31 2.77 -0.66 -25.93
CA TYR B 31 3.03 -0.59 -27.38
C TYR B 31 4.55 -0.62 -27.62
N ASP B 32 4.93 -1.32 -28.69
CA ASP B 32 6.32 -1.31 -29.20
C ASP B 32 6.30 -1.68 -30.67
N VAL B 33 7.34 -1.29 -31.40
CA VAL B 33 7.46 -1.62 -32.85
C VAL B 33 7.88 -3.08 -32.99
N VAL B 34 8.59 -3.65 -32.03
CA VAL B 34 9.18 -5.02 -32.16
C VAL B 34 8.08 -6.05 -31.88
N PRO B 35 7.77 -6.90 -32.86
CA PRO B 35 6.76 -7.95 -32.69
C PRO B 35 7.03 -8.80 -31.45
N GLY B 36 6.00 -9.02 -30.64
CA GLY B 36 6.03 -10.03 -29.57
C GLY B 36 6.46 -9.46 -28.22
N ILE B 37 7.34 -8.45 -28.19
CA ILE B 37 7.93 -7.98 -26.90
C ILE B 37 6.79 -7.49 -26.00
N PRO B 38 5.90 -6.58 -26.45
CA PRO B 38 4.86 -6.08 -25.57
C PRO B 38 3.84 -7.18 -25.20
N GLN B 39 3.56 -8.12 -26.10
CA GLN B 39 2.65 -9.28 -25.85
C GLN B 39 3.23 -10.15 -24.70
N GLY B 40 4.51 -10.46 -24.75
CA GLY B 40 5.18 -11.28 -23.72
C GLY B 40 5.18 -10.57 -22.38
N LYS B 41 5.58 -9.31 -22.35
CA LYS B 41 5.62 -8.51 -21.10
C LYS B 41 4.21 -8.30 -20.56
N ALA B 42 3.18 -8.15 -21.43
CA ALA B 42 1.78 -8.02 -20.98
C ALA B 42 1.38 -9.30 -20.26
N LEU B 43 1.74 -10.47 -20.80
CA LEU B 43 1.41 -11.75 -20.13
C LEU B 43 2.05 -11.78 -18.74
N ASP B 44 3.33 -11.42 -18.66
CA ASP B 44 4.11 -11.40 -17.41
C ASP B 44 3.40 -10.49 -16.38
N LEU B 45 3.01 -9.29 -16.80
CA LEU B 45 2.38 -8.28 -15.91
C LEU B 45 0.96 -8.74 -15.53
N LYS B 46 0.24 -9.48 -16.39
CA LYS B 46 -1.06 -10.07 -16.02
C LYS B 46 -0.83 -11.09 -14.89
N HIS B 47 0.19 -11.95 -15.00
CA HIS B 47 0.40 -13.00 -13.98
C HIS B 47 0.82 -12.34 -12.66
N PHE B 48 1.67 -11.32 -12.75
CA PHE B 48 2.12 -10.49 -11.63
C PHE B 48 0.87 -9.90 -10.93
N SER B 49 -0.05 -9.34 -11.71
CA SER B 49 -1.30 -8.73 -11.19
C SER B 49 -2.10 -9.75 -10.40
N THR B 50 -2.26 -10.97 -10.92
CA THR B 50 -3.06 -12.02 -10.25
C THR B 50 -2.42 -12.35 -8.91
N ILE B 51 -1.08 -12.45 -8.86
CA ILE B 51 -0.39 -12.82 -7.59
C ILE B 51 -0.57 -11.67 -6.62
N LEU B 52 -0.55 -10.42 -7.05
CA LEU B 52 -0.61 -9.30 -6.10
C LEU B 52 -2.05 -8.82 -5.85
N GLY B 53 -3.07 -9.36 -6.47
CA GLY B 53 -4.46 -8.96 -6.19
C GLY B 53 -4.85 -7.70 -6.90
N VAL B 54 -4.23 -7.38 -8.04
CA VAL B 54 -4.58 -6.23 -8.90
C VAL B 54 -5.48 -6.70 -10.04
N ASN B 55 -6.38 -5.85 -10.52
CA ASN B 55 -7.50 -6.22 -11.40
C ASN B 55 -7.49 -5.48 -12.73
N ARG B 56 -6.48 -4.71 -13.07
CA ARG B 56 -6.52 -3.87 -14.30
C ARG B 56 -6.27 -4.66 -15.60
N ASN B 57 -6.83 -4.20 -16.72
CA ASN B 57 -6.56 -4.77 -18.05
C ASN B 57 -5.16 -4.32 -18.48
N ILE B 58 -4.47 -5.21 -19.18
CA ILE B 58 -3.14 -5.00 -19.80
C ILE B 58 -3.22 -5.53 -21.22
N LEU B 59 -2.97 -4.70 -22.21
CA LEU B 59 -2.87 -5.16 -23.62
C LEU B 59 -1.45 -4.82 -24.09
N GLY B 60 -0.76 -5.79 -24.61
CA GLY B 60 0.48 -5.62 -25.37
C GLY B 60 0.14 -5.65 -26.85
N THR B 61 0.67 -4.72 -27.61
CA THR B 61 0.26 -4.56 -29.02
C THR B 61 1.41 -3.97 -29.84
N ASN B 62 1.41 -4.31 -31.12
CA ASN B 62 2.28 -3.71 -32.14
C ASN B 62 1.46 -2.74 -33.01
N GLN B 63 0.20 -2.48 -32.67
CA GLN B 63 -0.68 -1.63 -33.50
C GLN B 63 -0.93 -0.31 -32.80
N ILE B 64 -0.35 0.76 -33.35
CA ILE B 64 -0.32 2.12 -32.73
C ILE B 64 -1.74 2.64 -32.52
N GLU B 65 -2.72 2.25 -33.36
CA GLU B 65 -4.12 2.71 -33.22
C GLU B 65 -4.70 2.21 -31.89
N ASP B 66 -4.10 1.21 -31.23
CA ASP B 66 -4.59 0.77 -29.89
C ASP B 66 -4.36 1.87 -28.85
N ILE B 67 -3.62 2.93 -29.15
CA ILE B 67 -3.45 4.04 -28.17
C ILE B 67 -4.67 4.97 -28.18
N LYS B 68 -5.66 4.67 -29.01
CA LYS B 68 -6.84 5.57 -29.25
C LYS B 68 -7.44 6.04 -27.91
N ASP B 69 -7.65 7.35 -27.77
CA ASP B 69 -8.34 7.94 -26.59
C ASP B 69 -7.57 7.66 -25.30
N ALA B 70 -6.28 7.36 -25.36
CA ALA B 70 -5.48 7.19 -24.12
C ALA B 70 -5.54 8.50 -23.32
N ASP B 71 -5.68 8.41 -22.00
CA ASP B 71 -5.65 9.60 -21.10
C ASP B 71 -4.21 10.06 -20.87
N ILE B 72 -3.29 9.10 -20.86
CA ILE B 72 -1.87 9.25 -20.49
C ILE B 72 -1.04 8.55 -21.56
N ILE B 73 0.03 9.21 -21.97
CA ILE B 73 1.03 8.67 -22.90
C ILE B 73 2.36 8.82 -22.18
N VAL B 74 3.13 7.74 -22.12
CA VAL B 74 4.56 7.76 -21.67
C VAL B 74 5.41 7.34 -22.87
N ILE B 75 6.31 8.18 -23.34
CA ILE B 75 7.15 7.84 -24.51
C ILE B 75 8.56 7.50 -24.05
N THR B 76 8.94 6.23 -24.17
CA THR B 76 10.33 5.76 -23.96
C THR B 76 10.90 5.25 -25.27
N ALA B 77 10.16 5.31 -26.38
CA ALA B 77 10.63 4.85 -27.71
C ALA B 77 11.90 5.61 -28.07
N GLY B 78 12.98 4.95 -28.39
CA GLY B 78 14.30 5.58 -28.61
C GLY B 78 15.33 4.48 -28.77
N VAL B 79 16.62 4.81 -28.90
CA VAL B 79 17.73 3.94 -28.42
C VAL B 79 18.36 4.66 -27.23
N GLN B 80 19.01 3.90 -26.33
CA GLN B 80 19.62 4.48 -25.08
C GLN B 80 21.12 4.73 -25.38
N ARG B 81 21.75 5.52 -24.49
CA ARG B 81 23.23 5.70 -24.47
C ARG B 81 23.86 4.55 -23.65
N LYS B 82 24.97 3.99 -24.14
CA LYS B 82 25.86 3.07 -23.37
C LYS B 82 27.09 3.87 -22.90
N GLU B 83 28.00 3.25 -22.13
CA GLU B 83 29.20 3.95 -21.58
C GLU B 83 30.12 4.28 -22.77
N GLY B 84 30.65 5.51 -22.84
CA GLY B 84 31.45 6.03 -23.97
C GLY B 84 30.63 6.92 -24.90
N MET B 85 29.30 6.98 -24.70
CA MET B 85 28.27 7.80 -25.40
C MET B 85 27.75 8.93 -24.48
N THR B 86 27.67 10.18 -24.97
CA THR B 86 26.88 11.30 -24.37
C THR B 86 25.38 11.07 -24.61
N ARG B 87 24.53 11.77 -23.85
CA ARG B 87 23.06 11.80 -24.06
C ARG B 87 22.78 12.29 -25.49
N GLU B 88 23.58 13.27 -25.97
CA GLU B 88 23.22 14.13 -27.15
C GLU B 88 23.60 13.50 -28.50
N ASP B 89 24.30 12.35 -28.45
CA ASP B 89 24.94 11.59 -29.57
C ASP B 89 24.04 11.01 -30.69
N LEU B 90 22.88 10.46 -30.33
CA LEU B 90 21.99 9.62 -31.19
C LEU B 90 21.56 10.33 -32.49
N ILE B 91 21.20 11.62 -32.42
CA ILE B 91 19.87 12.16 -32.00
C ILE B 91 18.96 12.26 -33.21
N GLY B 92 19.48 11.94 -34.39
CA GLY B 92 18.70 11.87 -35.63
C GLY B 92 17.74 10.70 -35.58
N VAL B 93 18.19 9.55 -35.03
CA VAL B 93 17.28 8.37 -35.03
C VAL B 93 16.18 8.61 -33.99
N ASN B 94 16.49 9.09 -32.77
CA ASN B 94 15.47 9.30 -31.70
C ASN B 94 14.52 10.44 -32.10
N GLY B 95 15.03 11.45 -32.78
CA GLY B 95 14.24 12.58 -33.28
C GLY B 95 13.20 12.12 -34.30
N LYS B 96 13.56 11.26 -35.24
CA LYS B 96 12.62 10.69 -36.26
C LYS B 96 11.60 9.83 -35.53
N ILE B 97 12.02 9.09 -34.53
CA ILE B 97 11.08 8.22 -33.76
C ILE B 97 10.07 9.11 -33.04
N MET B 98 10.54 10.17 -32.39
CA MET B 98 9.67 11.06 -31.60
C MET B 98 8.73 11.78 -32.57
N LYS B 99 9.19 12.13 -33.76
CA LYS B 99 8.33 12.79 -34.77
C LYS B 99 7.16 11.87 -35.14
N SER B 100 7.46 10.60 -35.40
CA SER B 100 6.47 9.58 -35.79
C SER B 100 5.49 9.37 -34.63
N VAL B 101 5.98 9.25 -33.40
CA VAL B 101 5.09 9.12 -32.22
C VAL B 101 4.19 10.38 -32.12
N ALA B 102 4.76 11.56 -32.30
CA ALA B 102 4.02 12.84 -32.22
C ALA B 102 2.85 12.81 -33.21
N GLU B 103 3.11 12.37 -34.42
CA GLU B 103 2.08 12.22 -35.48
C GLU B 103 1.02 11.21 -35.05
N SER B 104 1.41 10.06 -34.47
CA SER B 104 0.44 9.04 -34.01
C SER B 104 -0.44 9.62 -32.91
N VAL B 105 0.14 10.36 -31.95
CA VAL B 105 -0.63 10.87 -30.80
C VAL B 105 -1.65 11.91 -31.32
N LYS B 106 -1.21 12.77 -32.23
CA LYS B 106 -2.10 13.79 -32.85
C LYS B 106 -3.29 13.09 -33.53
N LEU B 107 -3.04 12.02 -34.29
CA LEU B 107 -4.06 11.25 -35.01
C LEU B 107 -4.97 10.53 -34.00
N HIS B 108 -4.44 9.84 -32.99
CA HIS B 108 -5.22 8.83 -32.25
C HIS B 108 -5.65 9.28 -30.86
N CYS B 109 -4.96 10.20 -30.20
CA CYS B 109 -5.23 10.50 -28.76
C CYS B 109 -4.72 11.92 -28.46
N SER B 110 -5.25 12.91 -29.17
CA SER B 110 -4.78 14.31 -29.14
C SER B 110 -5.14 14.96 -27.80
N LYS B 111 -5.95 14.33 -26.95
CA LYS B 111 -6.35 14.88 -25.64
C LYS B 111 -5.50 14.27 -24.52
N ALA B 112 -4.54 13.42 -24.86
CA ALA B 112 -3.67 12.79 -23.86
C ALA B 112 -2.77 13.84 -23.17
N PHE B 113 -2.44 13.57 -21.90
CA PHE B 113 -1.28 14.14 -21.20
C PHE B 113 -0.07 13.27 -21.56
N VAL B 114 0.96 13.92 -22.09
CA VAL B 114 2.13 13.21 -22.70
C VAL B 114 3.35 13.46 -21.82
N ILE B 115 3.95 12.40 -21.31
CA ILE B 115 5.25 12.43 -20.58
C ILE B 115 6.32 11.78 -21.50
N CYS B 116 7.24 12.61 -22.00
CA CYS B 116 8.36 12.21 -22.87
C CYS B 116 9.53 11.79 -21.98
N VAL B 117 10.19 10.71 -22.34
CA VAL B 117 11.31 10.15 -21.53
C VAL B 117 12.53 9.90 -22.39
N SER B 118 12.39 9.72 -23.70
CA SER B 118 13.50 9.52 -24.66
C SER B 118 14.63 10.57 -24.53
N ASN B 119 15.81 10.10 -24.91
CA ASN B 119 17.08 10.07 -24.15
C ASN B 119 17.74 11.44 -24.16
N PRO B 120 17.93 12.19 -25.29
CA PRO B 120 18.26 13.62 -25.14
C PRO B 120 16.96 14.32 -24.70
N LEU B 121 16.69 14.35 -23.40
CA LEU B 121 15.32 14.52 -22.84
C LEU B 121 14.71 15.86 -23.27
N ASP B 122 15.42 16.97 -23.05
CA ASP B 122 14.80 18.31 -23.22
C ASP B 122 14.56 18.50 -24.73
N ILE B 123 15.47 17.99 -25.56
CA ILE B 123 15.37 18.12 -27.04
C ILE B 123 14.15 17.35 -27.51
N MET B 124 14.00 16.11 -27.06
CA MET B 124 12.94 15.21 -27.58
C MET B 124 11.57 15.75 -27.11
N VAL B 125 11.47 16.46 -25.99
CA VAL B 125 10.18 17.10 -25.61
C VAL B 125 9.82 18.20 -26.63
N ASN B 126 10.78 19.01 -27.05
CA ASN B 126 10.60 20.10 -28.04
C ASN B 126 10.21 19.45 -29.39
N VAL B 127 10.81 18.30 -29.71
CA VAL B 127 10.48 17.62 -30.98
C VAL B 127 9.04 17.13 -30.93
N PHE B 128 8.62 16.55 -29.82
CA PHE B 128 7.23 16.05 -29.62
C PHE B 128 6.24 17.21 -29.80
N HIS B 129 6.51 18.35 -29.18
CA HIS B 129 5.60 19.52 -29.31
C HIS B 129 5.52 19.91 -30.80
N LYS B 130 6.64 20.02 -31.47
CA LYS B 130 6.68 20.62 -32.82
C LYS B 130 5.81 19.79 -33.78
N PHE B 131 5.86 18.46 -33.68
CA PHE B 131 5.19 17.60 -34.68
C PHE B 131 3.83 17.11 -34.14
N SER B 132 3.48 17.29 -32.87
CA SER B 132 2.15 16.85 -32.33
C SER B 132 1.15 18.00 -32.40
N ASN B 133 1.62 19.22 -32.19
CA ASN B 133 0.80 20.45 -32.02
C ASN B 133 -0.15 20.26 -30.84
N LEU B 134 0.21 19.42 -29.86
CA LEU B 134 -0.61 19.34 -28.63
C LEU B 134 -0.46 20.66 -27.87
N PRO B 135 -1.46 21.03 -27.05
CA PRO B 135 -1.36 22.18 -26.15
C PRO B 135 -0.08 22.09 -25.28
N HIS B 136 0.58 23.21 -25.04
CA HIS B 136 1.92 23.26 -24.39
C HIS B 136 1.86 22.59 -23.02
N GLU B 137 0.76 22.83 -22.29
CA GLU B 137 0.62 22.38 -20.87
C GLU B 137 0.31 20.88 -20.85
N LYS B 138 0.04 20.23 -21.98
CA LYS B 138 -0.33 18.79 -22.02
C LYS B 138 0.92 17.97 -22.34
N ILE B 139 2.07 18.61 -22.42
CA ILE B 139 3.35 17.94 -22.79
C ILE B 139 4.37 18.28 -21.70
N CYS B 140 5.12 17.26 -21.29
CA CYS B 140 6.24 17.47 -20.36
C CYS B 140 7.25 16.36 -20.57
N GLY B 141 8.35 16.46 -19.85
CA GLY B 141 9.44 15.47 -19.88
C GLY B 141 9.81 15.17 -18.45
N MET B 142 10.08 13.92 -18.14
CA MET B 142 10.59 13.56 -16.80
C MET B 142 12.09 13.71 -16.84
N ALA B 143 12.66 14.56 -15.99
CA ALA B 143 14.12 14.59 -15.71
C ALA B 143 14.40 15.05 -14.26
N GLY B 144 13.86 16.19 -13.89
CA GLY B 144 14.23 16.91 -12.65
C GLY B 144 13.96 16.08 -11.42
N ILE B 145 12.91 15.25 -11.45
CA ILE B 145 12.56 14.42 -10.25
C ILE B 145 13.68 13.42 -10.05
N LEU B 146 14.25 12.91 -11.13
CA LEU B 146 15.32 11.88 -11.06
C LEU B 146 16.57 12.52 -10.47
N ASP B 147 16.98 13.68 -10.99
CA ASP B 147 18.18 14.39 -10.46
C ASP B 147 17.95 14.78 -8.99
N THR B 148 16.78 15.33 -8.68
CA THR B 148 16.35 15.70 -7.31
C THR B 148 16.44 14.47 -6.37
N SER B 149 15.96 13.31 -6.81
CA SER B 149 15.97 12.09 -5.97
C SER B 149 17.44 11.73 -5.62
N ARG B 150 18.37 11.87 -6.55
CA ARG B 150 19.79 11.51 -6.33
C ARG B 150 20.43 12.50 -5.35
N TYR B 151 20.21 13.79 -5.59
CA TYR B 151 20.75 14.88 -4.76
C TYR B 151 20.21 14.76 -3.33
N CYS B 152 18.90 14.57 -3.18
CA CYS B 152 18.25 14.45 -1.86
C CYS B 152 18.71 13.18 -1.15
N SER B 153 18.82 12.05 -1.86
CA SER B 153 19.34 10.76 -1.30
C SER B 153 20.72 10.99 -0.69
N LEU B 154 21.60 11.67 -1.47
CA LEU B 154 23.01 11.84 -1.05
C LEU B 154 23.07 12.80 0.15
N ILE B 155 22.24 13.84 0.16
CA ILE B 155 22.24 14.80 1.30
C ILE B 155 21.74 14.03 2.56
N ALA B 156 20.69 13.26 2.39
CA ALA B 156 20.09 12.47 3.49
C ALA B 156 21.13 11.49 4.05
N ASP B 157 21.87 10.79 3.17
CA ASP B 157 22.96 9.85 3.58
C ASP B 157 23.96 10.57 4.48
N LYS B 158 24.42 11.76 4.08
CA LYS B 158 25.50 12.49 4.78
C LYS B 158 24.98 12.98 6.13
N LEU B 159 23.72 13.45 6.23
CA LEU B 159 23.16 14.00 7.49
C LEU B 159 22.66 12.87 8.39
N LYS B 160 22.64 11.63 7.90
CA LYS B 160 22.08 10.45 8.61
C LYS B 160 20.59 10.70 8.96
N VAL B 161 19.81 11.17 7.99
CA VAL B 161 18.35 11.38 8.10
C VAL B 161 17.64 10.61 6.99
N SER B 162 16.37 10.32 7.24
CA SER B 162 15.48 9.86 6.16
C SER B 162 15.58 10.86 5.01
N ALA B 163 15.40 10.40 3.78
CA ALA B 163 15.19 11.26 2.59
C ALA B 163 13.72 11.71 2.49
N GLU B 164 12.76 11.17 3.25
CA GLU B 164 11.31 11.51 3.07
C GLU B 164 11.08 13.02 3.08
N ASP B 165 11.82 13.78 3.90
CA ASP B 165 11.51 15.23 4.04
C ASP B 165 12.67 16.10 3.53
N VAL B 166 13.59 15.53 2.75
CA VAL B 166 14.63 16.33 2.05
C VAL B 166 14.10 16.69 0.65
N ASN B 167 14.02 17.98 0.37
CA ASN B 167 13.39 18.53 -0.84
C ASN B 167 14.35 19.54 -1.45
N ALA B 168 14.36 19.65 -2.78
CA ALA B 168 15.26 20.58 -3.48
C ALA B 168 14.69 20.97 -4.83
N VAL B 169 15.02 22.18 -5.26
CA VAL B 169 14.74 22.59 -6.66
C VAL B 169 16.02 22.38 -7.47
N ILE B 170 15.91 21.60 -8.53
CA ILE B 170 16.97 21.47 -9.57
C ILE B 170 16.38 21.85 -10.93
N LEU B 171 16.90 22.91 -11.52
CA LEU B 171 16.49 23.48 -12.83
C LEU B 171 17.36 22.89 -13.96
N GLY B 172 16.90 22.94 -15.21
CA GLY B 172 17.68 22.54 -16.41
C GLY B 172 17.58 21.06 -16.70
N GLY B 173 18.54 20.49 -17.46
CA GLY B 173 18.54 19.06 -17.85
C GLY B 173 19.52 18.24 -17.03
N HIS B 174 19.88 17.06 -17.52
CA HIS B 174 20.89 16.15 -16.92
C HIS B 174 22.32 16.70 -17.16
N GLY B 175 23.26 16.29 -16.30
CA GLY B 175 24.73 16.48 -16.49
C GLY B 175 25.10 17.93 -16.38
N ASP B 176 25.80 18.44 -17.36
CA ASP B 176 26.24 19.87 -17.38
C ASP B 176 25.02 20.80 -17.48
N LEU B 177 23.88 20.32 -17.99
CA LEU B 177 22.64 21.14 -18.15
C LEU B 177 22.02 21.45 -16.76
N MET B 178 22.50 20.81 -15.70
CA MET B 178 21.79 20.74 -14.39
C MET B 178 22.14 21.98 -13.54
N VAL B 179 21.15 22.64 -12.95
CA VAL B 179 21.37 23.78 -12.00
C VAL B 179 20.64 23.49 -10.70
N PRO B 180 21.31 22.85 -9.71
CA PRO B 180 20.73 22.61 -8.38
C PRO B 180 20.79 23.91 -7.57
N LEU B 181 19.79 24.16 -6.74
CA LEU B 181 19.73 25.40 -5.91
C LEU B 181 19.80 25.00 -4.44
N GLN B 182 20.98 25.17 -3.85
CA GLN B 182 21.19 25.00 -2.38
C GLN B 182 20.21 25.86 -1.59
N ARG B 183 19.93 27.08 -2.07
CA ARG B 183 19.01 28.04 -1.38
C ARG B 183 17.59 27.45 -1.32
N TYR B 184 17.23 26.57 -2.26
CA TYR B 184 15.88 25.94 -2.35
C TYR B 184 16.01 24.46 -2.03
N THR B 185 16.93 24.14 -1.13
CA THR B 185 17.08 22.79 -0.55
C THR B 185 16.73 22.87 0.95
N SER B 186 15.89 21.97 1.44
CA SER B 186 15.50 21.97 2.86
C SER B 186 15.36 20.56 3.37
N VAL B 187 15.54 20.42 4.67
CA VAL B 187 15.38 19.16 5.43
C VAL B 187 14.24 19.41 6.43
N ASN B 188 13.05 18.90 6.12
CA ASN B 188 11.82 19.07 6.90
C ASN B 188 11.64 20.56 7.24
N GLY B 189 11.78 21.43 6.21
CA GLY B 189 11.56 22.88 6.38
C GLY B 189 12.85 23.64 6.63
N VAL B 190 13.87 23.00 7.18
CA VAL B 190 15.12 23.69 7.62
C VAL B 190 16.06 23.85 6.42
N PRO B 191 16.43 25.10 6.04
CA PRO B 191 17.32 25.26 4.89
C PRO B 191 18.63 24.47 5.05
N LEU B 192 19.16 23.96 3.95
CA LEU B 192 20.49 23.29 3.88
C LEU B 192 21.55 24.15 4.57
N SER B 193 21.54 25.45 4.35
CA SER B 193 22.56 26.39 4.91
C SER B 193 22.66 26.26 6.44
N GLU B 194 21.58 25.92 7.16
CA GLU B 194 21.64 25.76 8.64
C GLU B 194 22.48 24.52 9.01
N PHE B 195 22.48 23.49 8.17
CA PHE B 195 23.27 22.26 8.38
C PHE B 195 24.75 22.61 8.14
N VAL B 196 25.05 23.45 7.16
CA VAL B 196 26.43 23.92 6.88
C VAL B 196 26.92 24.69 8.11
N LYS B 197 26.13 25.64 8.56
CA LYS B 197 26.38 26.48 9.76
C LYS B 197 26.68 25.58 10.97
N LYS B 198 25.97 24.48 11.14
CA LYS B 198 26.20 23.58 12.31
C LYS B 198 27.29 22.53 12.02
N ASN B 199 28.00 22.62 10.90
CA ASN B 199 29.11 21.69 10.54
C ASN B 199 28.59 20.24 10.51
N MET B 200 27.37 20.02 10.05
CA MET B 200 26.83 18.65 9.84
C MET B 200 27.14 18.22 8.41
N ILE B 201 27.44 19.19 7.55
CA ILE B 201 27.83 18.98 6.15
C ILE B 201 28.63 20.23 5.73
N SER B 202 29.67 20.07 4.92
CA SER B 202 30.54 21.18 4.46
C SER B 202 30.12 21.57 3.04
N GLN B 203 30.53 22.76 2.59
CA GLN B 203 30.28 23.21 1.21
C GLN B 203 30.98 22.23 0.23
N ASN B 204 32.14 21.70 0.60
CA ASN B 204 32.88 20.74 -0.26
C ASN B 204 32.07 19.46 -0.41
N GLU B 205 31.45 18.99 0.68
CA GLU B 205 30.63 17.78 0.62
C GLU B 205 29.45 18.05 -0.31
N ILE B 206 28.85 19.23 -0.25
CA ILE B 206 27.70 19.55 -1.12
C ILE B 206 28.15 19.58 -2.59
N GLN B 207 29.30 20.19 -2.89
CA GLN B 207 29.84 20.25 -4.27
C GLN B 207 30.06 18.82 -4.76
N GLU B 208 30.58 17.94 -3.92
CA GLU B 208 30.87 16.54 -4.32
C GLU B 208 29.53 15.86 -4.63
N ILE B 209 28.52 16.08 -3.79
CA ILE B 209 27.14 15.57 -4.02
C ILE B 209 26.58 16.10 -5.34
N ILE B 210 26.80 17.35 -5.66
CA ILE B 210 26.30 17.95 -6.95
C ILE B 210 26.97 17.23 -8.13
N GLN B 211 28.29 16.97 -8.04
CA GLN B 211 29.07 16.27 -9.08
C GLN B 211 28.56 14.82 -9.22
N LYS B 212 28.41 14.11 -8.12
CA LYS B 212 27.83 12.75 -8.20
C LYS B 212 26.45 12.78 -8.85
N THR B 213 25.64 13.79 -8.55
CA THR B 213 24.29 13.92 -9.15
C THR B 213 24.45 14.08 -10.66
N ARG B 214 25.31 14.98 -11.11
CA ARG B 214 25.49 15.25 -12.57
C ARG B 214 25.85 13.97 -13.31
N ASN B 215 26.71 13.16 -12.71
CA ASN B 215 27.40 12.00 -13.34
C ASN B 215 26.61 10.71 -13.09
N MET B 216 25.48 10.73 -12.38
CA MET B 216 24.86 9.49 -11.83
C MET B 216 24.38 8.58 -12.95
N GLY B 217 23.77 9.14 -13.97
CA GLY B 217 23.30 8.35 -15.13
C GLY B 217 24.44 7.52 -15.71
N ALA B 218 25.58 8.14 -15.97
CA ALA B 218 26.78 7.53 -16.54
C ALA B 218 27.36 6.54 -15.53
N GLU B 219 27.31 6.84 -14.22
CA GLU B 219 27.86 5.93 -13.15
C GLU B 219 27.06 4.62 -13.16
N ILE B 220 25.74 4.71 -13.20
CA ILE B 220 24.86 3.52 -13.21
C ILE B 220 25.14 2.75 -14.51
N ILE B 221 25.28 3.43 -15.65
CA ILE B 221 25.58 2.77 -16.95
C ILE B 221 26.91 2.04 -16.79
N LYS B 222 27.90 2.67 -16.17
CA LYS B 222 29.27 2.08 -16.02
C LYS B 222 29.20 0.84 -15.10
N LEU B 223 28.38 0.82 -14.07
CA LEU B 223 28.36 -0.27 -13.05
C LEU B 223 27.37 -1.37 -13.50
N ALA B 224 26.16 -0.99 -13.86
CA ALA B 224 25.05 -1.93 -14.13
C ALA B 224 25.06 -2.35 -15.61
N LYS B 225 25.91 -1.76 -16.46
CA LYS B 225 25.96 -2.08 -17.92
C LYS B 225 24.57 -1.89 -18.54
N ALA B 226 23.78 -0.98 -17.99
CA ALA B 226 22.41 -0.63 -18.44
C ALA B 226 22.07 0.71 -17.79
N SER B 227 21.21 1.49 -18.42
CA SER B 227 20.81 2.81 -17.84
C SER B 227 19.79 2.54 -16.74
N ALA B 228 19.69 3.50 -15.84
CA ALA B 228 18.77 3.44 -14.69
C ALA B 228 17.38 3.12 -15.22
N ALA B 229 16.60 2.35 -14.49
CA ALA B 229 15.23 1.99 -14.92
C ALA B 229 14.22 2.17 -13.78
N PHE B 230 14.53 1.72 -12.56
CA PHE B 230 13.54 1.74 -11.44
C PHE B 230 13.17 3.17 -11.08
N ALA B 231 14.17 4.01 -10.86
CA ALA B 231 13.94 5.39 -10.38
C ALA B 231 13.30 6.24 -11.47
N PRO B 232 13.76 6.19 -12.75
CA PRO B 232 13.01 6.84 -13.82
C PRO B 232 11.51 6.44 -13.86
N ALA B 233 11.23 5.14 -13.73
CA ALA B 233 9.85 4.61 -13.75
C ALA B 233 9.06 5.21 -12.58
N ALA B 234 9.65 5.25 -11.39
CA ALA B 234 8.97 5.82 -10.22
C ALA B 234 8.67 7.30 -10.48
N ALA B 235 9.60 8.03 -11.08
CA ALA B 235 9.45 9.49 -11.29
C ALA B 235 8.30 9.71 -12.28
N ILE B 236 8.25 8.88 -13.31
CA ILE B 236 7.17 8.94 -14.33
C ILE B 236 5.82 8.67 -13.66
N THR B 237 5.77 7.63 -12.83
CA THR B 237 4.52 7.21 -12.18
C THR B 237 4.05 8.31 -11.24
N LYS B 238 4.94 8.98 -10.53
CA LYS B 238 4.52 10.14 -9.68
C LYS B 238 3.84 11.22 -10.55
N MET B 239 4.39 11.53 -11.73
CA MET B 239 3.82 12.56 -12.62
C MET B 239 2.45 12.13 -13.14
N ILE B 240 2.33 10.87 -13.51
CA ILE B 240 1.05 10.28 -13.98
C ILE B 240 -0.02 10.48 -12.92
N LYS B 241 0.30 10.10 -11.69
CA LYS B 241 -0.63 10.14 -10.53
C LYS B 241 -1.05 11.59 -10.25
N SER B 242 -0.12 12.55 -10.35
CA SER B 242 -0.45 13.98 -10.12
C SER B 242 -1.49 14.46 -11.14
N TYR B 243 -1.38 14.05 -12.39
CA TYR B 243 -2.33 14.43 -13.47
C TYR B 243 -3.69 13.74 -13.22
N LEU B 244 -3.69 12.42 -13.07
CA LEU B 244 -4.93 11.58 -12.97
C LEU B 244 -5.73 12.02 -11.74
N TYR B 245 -5.10 12.28 -10.60
CA TYR B 245 -5.82 12.61 -9.36
C TYR B 245 -5.82 14.12 -9.09
N ASN B 246 -5.44 14.92 -10.08
CA ASN B 246 -5.57 16.39 -9.98
C ASN B 246 -4.85 16.88 -8.71
N GLU B 247 -3.61 16.49 -8.47
CA GLU B 247 -3.01 16.59 -7.10
C GLU B 247 -2.34 17.95 -6.87
N ASN B 248 -1.92 18.66 -7.93
CA ASN B 248 -1.08 19.86 -7.82
C ASN B 248 0.17 19.55 -7.01
N ASN B 249 0.76 18.36 -7.25
CA ASN B 249 2.10 18.05 -6.77
C ASN B 249 3.12 18.90 -7.56
N LEU B 250 4.21 19.19 -6.89
CA LEU B 250 5.26 20.14 -7.34
C LEU B 250 6.48 19.36 -7.81
N PHE B 251 7.00 19.71 -8.97
CA PHE B 251 8.10 18.93 -9.59
C PHE B 251 8.96 19.89 -10.37
N THR B 252 10.18 19.53 -10.64
CA THR B 252 10.94 20.00 -11.81
C THR B 252 10.74 18.93 -12.87
N CYS B 253 10.27 19.36 -14.02
CA CYS B 253 10.13 18.53 -15.22
C CYS B 253 10.40 19.43 -16.42
N ALA B 254 10.61 18.88 -17.61
CA ALA B 254 10.69 19.70 -18.82
C ALA B 254 9.29 20.21 -19.10
N VAL B 255 9.13 21.52 -19.17
CA VAL B 255 7.83 22.22 -19.22
C VAL B 255 7.98 23.44 -20.13
N TYR B 256 6.90 23.88 -20.75
CA TYR B 256 6.93 25.07 -21.65
C TYR B 256 7.03 26.36 -20.84
N LEU B 257 8.16 27.05 -20.99
CA LEU B 257 8.34 28.38 -20.42
C LEU B 257 7.97 29.43 -21.48
N ASN B 258 7.48 30.54 -20.98
CA ASN B 258 7.01 31.68 -21.81
C ASN B 258 7.23 32.95 -21.00
N GLY B 259 8.50 33.34 -20.87
CA GLY B 259 8.92 34.51 -20.07
C GLY B 259 9.53 34.10 -18.74
N HIS B 260 9.19 32.92 -18.21
CA HIS B 260 9.70 32.43 -16.91
C HIS B 260 11.21 32.28 -16.99
N TYR B 261 11.93 32.83 -16.01
CA TYR B 261 13.39 32.69 -15.89
C TYR B 261 14.06 33.18 -17.19
N ASN B 262 13.52 34.22 -17.80
CA ASN B 262 14.03 34.86 -19.05
C ASN B 262 13.97 33.89 -20.24
N CYS B 263 13.15 32.85 -20.21
CA CYS B 263 13.10 31.85 -21.30
C CYS B 263 11.87 32.04 -22.16
N SER B 264 12.10 32.12 -23.47
CA SER B 264 11.00 32.37 -24.44
C SER B 264 10.70 31.12 -25.27
N ASN B 265 9.44 30.70 -25.31
CA ASN B 265 8.93 29.62 -26.19
C ASN B 265 9.84 28.39 -26.22
N LEU B 266 10.17 27.80 -25.08
CA LEU B 266 10.99 26.56 -25.12
C LEU B 266 10.62 25.59 -23.99
N PHE B 267 10.60 24.28 -24.24
CA PHE B 267 10.48 23.31 -23.13
C PHE B 267 11.86 23.06 -22.52
N VAL B 268 11.98 23.23 -21.20
CA VAL B 268 13.25 23.07 -20.44
C VAL B 268 12.86 22.62 -19.03
N GLY B 269 13.79 21.93 -18.35
CA GLY B 269 13.61 21.56 -16.93
C GLY B 269 13.36 22.79 -16.06
N SER B 270 12.21 22.87 -15.42
CA SER B 270 11.82 24.02 -14.57
C SER B 270 10.82 23.61 -13.50
N THR B 271 10.55 24.51 -12.58
CA THR B 271 9.53 24.38 -11.53
C THR B 271 8.14 24.42 -12.14
N ALA B 272 7.34 23.40 -11.82
CA ALA B 272 5.96 23.26 -12.33
C ALA B 272 5.09 22.49 -11.33
N LYS B 273 3.79 22.70 -11.44
CA LYS B 273 2.86 21.81 -10.75
C LYS B 273 2.04 21.04 -11.80
N ILE B 274 1.61 19.86 -11.42
CA ILE B 274 0.83 18.97 -12.31
C ILE B 274 -0.53 18.72 -11.67
N ASN B 275 -1.57 18.98 -12.44
CA ASN B 275 -2.97 18.72 -12.10
C ASN B 275 -3.65 18.19 -13.36
N ASN B 276 -4.95 17.97 -13.33
CA ASN B 276 -5.66 17.30 -14.44
C ASN B 276 -5.77 18.25 -15.64
N LYS B 277 -5.25 19.48 -15.57
CA LYS B 277 -5.20 20.35 -16.77
C LYS B 277 -3.76 20.35 -17.32
N GLY B 278 -2.84 19.63 -16.69
CA GLY B 278 -1.47 19.43 -17.21
C GLY B 278 -0.40 19.96 -16.29
N ALA B 279 0.66 20.48 -16.89
CA ALA B 279 1.87 20.96 -16.21
C ALA B 279 1.94 22.47 -16.39
N HIS B 280 2.07 23.19 -15.29
CA HIS B 280 1.95 24.68 -15.22
C HIS B 280 3.21 25.22 -14.59
N PRO B 281 4.00 26.02 -15.33
CA PRO B 281 5.26 26.49 -14.79
C PRO B 281 5.03 27.58 -13.76
N VAL B 282 6.00 27.78 -12.88
CA VAL B 282 6.02 28.89 -11.89
C VAL B 282 7.45 29.41 -11.84
N GLU B 283 7.61 30.69 -11.63
CA GLU B 283 8.94 31.32 -11.55
C GLU B 283 9.18 31.68 -10.08
N PHE B 284 10.37 31.40 -9.57
CA PHE B 284 10.86 31.89 -8.25
C PHE B 284 11.99 32.88 -8.47
N PRO B 285 12.28 33.78 -7.51
CA PRO B 285 13.41 34.71 -7.63
C PRO B 285 14.76 34.01 -7.58
N LEU B 286 15.50 33.99 -8.67
CA LEU B 286 16.91 33.55 -8.67
C LEU B 286 17.83 34.76 -8.45
N THR B 287 18.97 34.53 -7.80
CA THR B 287 20.11 35.46 -7.81
C THR B 287 20.63 35.55 -9.24
N LYS B 288 21.54 36.48 -9.49
CA LYS B 288 22.15 36.71 -10.81
C LYS B 288 22.98 35.50 -11.21
N GLU B 289 23.71 34.91 -10.27
CA GLU B 289 24.62 33.75 -10.56
C GLU B 289 23.74 32.51 -10.88
N GLU B 290 22.66 32.30 -10.13
CA GLU B 290 21.71 31.18 -10.34
C GLU B 290 21.12 31.32 -11.76
N GLN B 291 20.69 32.54 -12.11
CA GLN B 291 20.00 32.82 -13.40
C GLN B 291 21.01 32.72 -14.55
N ASP B 292 22.26 33.15 -14.35
CA ASP B 292 23.30 33.03 -15.41
C ASP B 292 23.54 31.55 -15.70
N LEU B 293 23.67 30.72 -14.68
CA LEU B 293 23.84 29.24 -14.87
C LEU B 293 22.61 28.68 -15.62
N TYR B 294 21.38 29.08 -15.24
CA TYR B 294 20.15 28.54 -15.86
C TYR B 294 20.11 28.95 -17.34
N THR B 295 20.39 30.24 -17.61
CA THR B 295 20.34 30.82 -18.96
C THR B 295 21.35 30.07 -19.83
N GLU B 296 22.52 29.75 -19.28
CA GLU B 296 23.52 28.93 -20.00
C GLU B 296 22.94 27.54 -20.35
N SER B 297 22.30 26.86 -19.40
CA SER B 297 21.64 25.54 -19.63
C SER B 297 20.57 25.68 -20.72
N ILE B 298 19.75 26.73 -20.59
CA ILE B 298 18.64 26.98 -21.55
C ILE B 298 19.21 27.23 -22.96
N ALA B 299 20.27 28.01 -23.08
CA ALA B 299 20.89 28.35 -24.41
C ALA B 299 21.38 27.06 -25.09
N SER B 300 21.96 26.13 -24.33
CA SER B 300 22.44 24.83 -24.85
C SER B 300 21.26 24.00 -25.38
N VAL B 301 20.15 23.93 -24.66
CA VAL B 301 18.91 23.22 -25.09
C VAL B 301 18.35 23.89 -26.35
N GLN B 302 18.27 25.22 -26.36
CA GLN B 302 17.80 26.01 -27.53
C GLN B 302 18.64 25.60 -28.74
N SER B 303 19.97 25.64 -28.57
CA SER B 303 20.94 25.42 -29.67
C SER B 303 20.78 23.99 -30.21
N ASN B 304 20.71 23.02 -29.30
CA ASN B 304 20.66 21.59 -29.65
C ASN B 304 19.29 21.25 -30.23
N THR B 305 18.21 21.88 -29.80
CA THR B 305 16.87 21.64 -30.36
C THR B 305 16.86 22.07 -31.82
N GLN B 306 17.37 23.27 -32.12
CA GLN B 306 17.47 23.76 -33.52
C GLN B 306 18.28 22.70 -34.33
N LYS B 307 19.43 22.26 -33.81
CA LYS B 307 20.30 21.28 -34.50
C LYS B 307 19.52 20.00 -34.74
N ALA B 308 18.74 19.59 -33.75
CA ALA B 308 17.95 18.34 -33.82
C ALA B 308 16.90 18.45 -34.93
N PHE B 309 16.22 19.59 -35.09
CA PHE B 309 15.19 19.75 -36.16
C PHE B 309 15.86 19.58 -37.51
N ASP B 310 17.07 20.13 -37.68
CA ASP B 310 17.90 19.97 -38.91
C ASP B 310 18.22 18.48 -39.13
N LEU B 311 18.79 17.80 -38.13
CA LEU B 311 19.14 16.34 -38.21
C LEU B 311 17.86 15.55 -38.57
N ILE B 312 16.65 16.06 -38.27
CA ILE B 312 15.37 15.34 -38.54
C ILE B 312 14.94 15.50 -40.02
N LYS B 313 15.22 16.63 -40.71
CA LYS B 313 14.85 16.90 -42.15
C LYS B 313 15.15 15.70 -43.07
N THR C 2 15.56 -6.85 9.91
CA THR C 2 15.42 -7.85 8.88
C THR C 2 16.40 -7.56 7.73
N LYS C 3 17.17 -8.58 7.34
CA LYS C 3 18.17 -8.51 6.27
C LYS C 3 17.81 -9.53 5.19
N ILE C 4 17.56 -9.05 3.96
CA ILE C 4 17.14 -9.85 2.81
C ILE C 4 18.32 -9.86 1.81
N ALA C 5 18.90 -11.04 1.56
CA ALA C 5 20.08 -11.19 0.69
C ALA C 5 19.66 -11.81 -0.63
N LEU C 6 19.84 -11.07 -1.71
CA LEU C 6 19.59 -11.54 -3.09
C LEU C 6 20.90 -12.03 -3.69
N ILE C 7 21.00 -13.34 -3.84
CA ILE C 7 22.17 -14.02 -4.45
C ILE C 7 21.91 -14.11 -5.94
N GLY C 8 22.40 -13.10 -6.66
CA GLY C 8 22.03 -12.85 -8.06
C GLY C 8 21.28 -11.55 -8.14
N SER C 9 21.86 -10.60 -8.86
CA SER C 9 21.32 -9.23 -9.04
C SER C 9 20.93 -9.00 -10.50
N GLY C 10 20.40 -10.04 -11.15
CA GLY C 10 19.85 -10.00 -12.53
C GLY C 10 18.45 -9.44 -12.53
N GLN C 11 17.69 -9.77 -13.56
CA GLN C 11 16.35 -9.20 -13.78
C GLN C 11 15.46 -9.61 -12.61
N ILE C 12 15.46 -10.90 -12.25
CA ILE C 12 14.52 -11.38 -11.19
C ILE C 12 14.98 -10.80 -9.85
N GLY C 13 16.26 -10.84 -9.57
CA GLY C 13 16.76 -10.42 -8.25
C GLY C 13 16.47 -8.96 -8.00
N ALA C 14 16.62 -8.14 -9.06
CA ALA C 14 16.40 -6.69 -8.92
C ALA C 14 14.93 -6.44 -8.60
N ILE C 15 14.04 -7.13 -9.30
CA ILE C 15 12.59 -6.92 -9.15
C ILE C 15 12.13 -7.42 -7.77
N VAL C 16 12.72 -8.51 -7.29
CA VAL C 16 12.45 -8.98 -5.91
C VAL C 16 12.91 -7.90 -4.95
N GLY C 17 14.09 -7.34 -5.13
CA GLY C 17 14.54 -6.18 -4.32
C GLY C 17 13.51 -5.07 -4.30
N GLU C 18 13.09 -4.66 -5.50
CA GLU C 18 12.11 -3.56 -5.70
C GLU C 18 10.85 -3.86 -4.89
N LEU C 19 10.30 -5.06 -5.01
CA LEU C 19 9.02 -5.44 -4.39
C LEU C 19 9.23 -5.55 -2.89
N CYS C 20 10.39 -6.03 -2.41
CA CYS C 20 10.70 -6.03 -0.95
C CYS C 20 10.73 -4.60 -0.38
N LEU C 21 11.24 -3.63 -1.16
CA LEU C 21 11.25 -2.22 -0.72
C LEU C 21 9.82 -1.70 -0.71
N LEU C 22 9.04 -1.89 -1.75
CA LEU C 22 7.63 -1.42 -1.77
C LEU C 22 6.81 -2.01 -0.63
N GLU C 23 7.19 -2.91 -0.48
CA GLU C 23 6.35 -3.62 0.52
C GLU C 23 7.05 -3.56 1.89
N ASN C 24 8.04 -2.95 2.16
CA ASN C 24 8.78 -2.66 3.41
C ASN C 24 9.18 -3.91 4.20
N LEU C 25 9.67 -4.99 3.55
CA LEU C 25 9.97 -6.27 4.24
C LEU C 25 11.31 -6.24 4.96
N GLY C 26 12.27 -5.45 4.49
CA GLY C 26 13.62 -5.50 5.09
C GLY C 26 14.63 -4.65 4.37
N ASP C 27 15.80 -4.55 4.96
CA ASP C 27 17.04 -4.05 4.33
C ASP C 27 17.49 -5.07 3.27
N LEU C 28 18.12 -4.60 2.21
CA LEU C 28 18.54 -5.42 1.08
C LEU C 28 20.04 -5.52 1.01
N ILE C 29 20.50 -6.72 0.70
CA ILE C 29 21.86 -6.97 0.19
C ILE C 29 21.69 -7.54 -1.22
N LEU C 30 22.13 -6.78 -2.20
CA LEU C 30 22.16 -7.22 -3.62
C LEU C 30 23.57 -7.75 -3.87
N TYR C 31 23.69 -9.07 -4.03
CA TYR C 31 24.98 -9.74 -4.26
C TYR C 31 25.02 -10.26 -5.68
N ASP C 32 26.19 -10.18 -6.30
CA ASP C 32 26.46 -10.83 -7.61
C ASP C 32 27.96 -11.07 -7.72
N VAL C 33 28.38 -11.99 -8.59
CA VAL C 33 29.83 -12.21 -8.86
C VAL C 33 30.35 -11.13 -9.79
N VAL C 34 29.52 -10.54 -10.65
CA VAL C 34 29.97 -9.59 -11.69
C VAL C 34 30.22 -8.21 -11.07
N PRO C 35 31.48 -7.72 -11.15
CA PRO C 35 31.84 -6.44 -10.58
C PRO C 35 30.92 -5.32 -11.08
N GLY C 36 30.36 -4.54 -10.15
CA GLY C 36 29.63 -3.31 -10.52
C GLY C 36 28.13 -3.53 -10.66
N ILE C 37 27.65 -4.71 -11.09
CA ILE C 37 26.20 -4.92 -11.37
C ILE C 37 25.39 -4.60 -10.13
N PRO C 38 25.68 -5.20 -8.98
CA PRO C 38 24.82 -4.98 -7.80
C PRO C 38 24.97 -3.54 -7.27
N GLN C 39 26.15 -2.94 -7.38
CA GLN C 39 26.43 -1.53 -7.00
C GLN C 39 25.52 -0.61 -7.83
N GLY C 40 25.46 -0.81 -9.15
CA GLY C 40 24.63 -0.01 -10.06
C GLY C 40 23.15 -0.16 -9.71
N LYS C 41 22.69 -1.39 -9.56
CA LYS C 41 21.28 -1.68 -9.24
C LYS C 41 20.94 -1.14 -7.85
N ALA C 42 21.86 -1.21 -6.90
CA ALA C 42 21.64 -0.64 -5.54
C ALA C 42 21.44 0.87 -5.66
N LEU C 43 22.25 1.55 -6.46
CA LEU C 43 22.08 3.02 -6.66
C LEU C 43 20.67 3.28 -7.19
N ASP C 44 20.26 2.56 -8.24
CA ASP C 44 18.95 2.75 -8.89
C ASP C 44 17.84 2.55 -7.83
N LEU C 45 17.94 1.48 -7.05
CA LEU C 45 16.89 1.17 -6.06
C LEU C 45 16.91 2.16 -4.88
N LYS C 46 18.05 2.72 -4.52
CA LYS C 46 18.10 3.83 -3.53
C LYS C 46 17.32 5.03 -4.09
N HIS C 47 17.52 5.39 -5.35
CA HIS C 47 16.85 6.60 -5.91
C HIS C 47 15.35 6.32 -6.00
N PHE C 48 14.97 5.10 -6.40
CA PHE C 48 13.59 4.61 -6.43
C PHE C 48 12.96 4.76 -5.04
N SER C 49 13.68 4.31 -4.00
CA SER C 49 13.23 4.39 -2.59
C SER C 49 12.92 5.85 -2.20
N THR C 50 13.79 6.78 -2.58
CA THR C 50 13.67 8.21 -2.24
C THR C 50 12.40 8.74 -2.89
N ILE C 51 12.12 8.37 -4.13
CA ILE C 51 10.92 8.89 -4.84
C ILE C 51 9.71 8.28 -4.17
N LEU C 52 9.73 7.00 -3.77
CA LEU C 52 8.50 6.35 -3.27
C LEU C 52 8.38 6.39 -1.74
N GLY C 53 9.28 7.03 -0.99
CA GLY C 53 9.06 7.13 0.47
C GLY C 53 9.46 5.87 1.21
N VAL C 54 10.35 5.03 0.66
CA VAL C 54 10.87 3.84 1.37
C VAL C 54 12.24 4.14 1.98
N ASN C 55 12.50 3.63 3.20
CA ASN C 55 13.58 4.11 4.09
C ASN C 55 14.52 2.96 4.46
N ARG C 56 14.47 1.84 3.78
CA ARG C 56 15.35 0.68 4.06
C ARG C 56 16.77 0.90 3.53
N ASN C 57 17.75 0.28 4.19
CA ASN C 57 19.15 0.27 3.72
C ASN C 57 19.21 -0.68 2.52
N ILE C 58 20.07 -0.34 1.55
CA ILE C 58 20.33 -1.14 0.34
C ILE C 58 21.83 -1.18 0.19
N LEU C 59 22.44 -2.35 0.13
CA LEU C 59 23.88 -2.53 -0.19
C LEU C 59 23.96 -3.38 -1.45
N GLY C 60 24.70 -2.92 -2.44
CA GLY C 60 25.14 -3.75 -3.57
C GLY C 60 26.57 -4.12 -3.34
N THR C 61 26.91 -5.39 -3.51
CA THR C 61 28.24 -5.91 -3.13
C THR C 61 28.62 -7.09 -4.01
N ASN C 62 29.92 -7.25 -4.21
CA ASN C 62 30.51 -8.45 -4.84
C ASN C 62 31.15 -9.34 -3.75
N GLN C 63 30.99 -9.02 -2.47
CA GLN C 63 31.65 -9.75 -1.37
C GLN C 63 30.63 -10.62 -0.63
N ILE C 64 30.79 -11.93 -0.79
CA ILE C 64 29.82 -12.95 -0.30
C ILE C 64 29.67 -12.83 1.22
N GLU C 65 30.73 -12.40 1.92
CA GLU C 65 30.67 -12.24 3.40
C GLU C 65 29.63 -11.19 3.80
N ASP C 66 29.22 -10.30 2.87
CA ASP C 66 28.21 -9.28 3.19
C ASP C 66 26.85 -9.94 3.37
N ILE C 67 26.65 -11.24 3.06
CA ILE C 67 25.32 -11.86 3.31
C ILE C 67 25.20 -12.29 4.79
N LYS C 68 26.22 -12.02 5.60
CA LYS C 68 26.32 -12.46 7.01
C LYS C 68 25.00 -12.23 7.75
N ASP C 69 24.51 -13.26 8.46
CA ASP C 69 23.29 -13.18 9.31
C ASP C 69 22.05 -12.76 8.51
N ALA C 70 22.02 -12.91 7.19
CA ALA C 70 20.77 -12.64 6.42
C ALA C 70 19.62 -13.48 7.00
N ASP C 71 18.43 -12.92 7.11
CA ASP C 71 17.19 -13.65 7.52
C ASP C 71 16.64 -14.43 6.33
N ILE C 72 16.83 -13.89 5.13
CA ILE C 72 16.23 -14.37 3.85
C ILE C 72 17.32 -14.42 2.77
N ILE C 73 17.35 -15.51 2.01
CA ILE C 73 18.26 -15.69 0.89
C ILE C 73 17.37 -16.01 -0.29
N VAL C 74 17.55 -15.29 -1.38
CA VAL C 74 16.86 -15.57 -2.66
C VAL C 74 17.95 -15.91 -3.67
N ILE C 75 17.93 -17.10 -4.25
CA ILE C 75 19.02 -17.50 -5.15
C ILE C 75 18.50 -17.50 -6.58
N THR C 76 18.98 -16.54 -7.38
CA THR C 76 18.75 -16.50 -8.83
C THR C 76 20.05 -16.71 -9.59
N ALA C 77 21.15 -16.94 -8.89
CA ALA C 77 22.50 -17.08 -9.45
C ALA C 77 22.46 -18.22 -10.47
N GLY C 78 23.01 -17.94 -11.64
CA GLY C 78 23.19 -18.97 -12.67
C GLY C 78 23.26 -18.31 -14.01
N VAL C 79 23.25 -19.08 -15.09
CA VAL C 79 23.33 -18.48 -16.46
C VAL C 79 22.10 -18.96 -17.23
N GLN C 80 21.83 -18.31 -18.36
CA GLN C 80 20.85 -18.81 -19.38
C GLN C 80 21.65 -19.67 -20.37
N ARG C 81 20.99 -20.72 -20.85
CA ARG C 81 21.50 -21.67 -21.87
C ARG C 81 21.52 -20.97 -23.22
N LYS C 82 22.71 -20.74 -23.79
CA LYS C 82 22.87 -20.01 -25.07
C LYS C 82 23.18 -21.02 -26.18
N GLU C 83 23.32 -20.57 -27.44
CA GLU C 83 23.55 -21.45 -28.61
C GLU C 83 24.91 -22.14 -28.40
N GLY C 84 24.98 -23.47 -28.61
CA GLY C 84 26.18 -24.28 -28.39
C GLY C 84 26.12 -25.06 -27.08
N MET C 85 25.10 -24.78 -26.24
CA MET C 85 24.90 -25.36 -24.87
C MET C 85 23.74 -26.36 -24.87
N THR C 86 24.04 -27.62 -24.50
CA THR C 86 23.09 -28.70 -24.16
C THR C 86 22.43 -28.41 -22.79
N ARG C 87 21.29 -29.04 -22.52
CA ARG C 87 20.60 -28.99 -21.21
C ARG C 87 21.58 -29.51 -20.14
N GLU C 88 22.40 -30.50 -20.48
CA GLU C 88 23.40 -31.11 -19.55
C GLU C 88 24.47 -30.06 -19.18
N ASP C 89 24.92 -29.22 -20.13
CA ASP C 89 25.94 -28.14 -19.87
C ASP C 89 25.34 -27.11 -18.90
N LEU C 90 24.10 -26.66 -19.12
CA LEU C 90 23.35 -25.77 -18.19
C LEU C 90 23.30 -26.37 -16.78
N ILE C 91 22.89 -27.64 -16.65
CA ILE C 91 22.77 -28.34 -15.33
C ILE C 91 24.15 -28.30 -14.64
N GLY C 92 25.22 -28.54 -15.38
CA GLY C 92 26.59 -28.56 -14.83
C GLY C 92 27.02 -27.19 -14.33
N VAL C 93 26.79 -26.14 -15.14
CA VAL C 93 27.19 -24.76 -14.78
C VAL C 93 26.32 -24.26 -13.60
N ASN C 94 25.01 -24.38 -13.65
CA ASN C 94 24.11 -23.83 -12.59
C ASN C 94 24.23 -24.70 -11.32
N GLY C 95 24.49 -25.98 -11.48
CA GLY C 95 24.65 -26.91 -10.34
C GLY C 95 25.92 -26.60 -9.57
N LYS C 96 27.01 -26.26 -10.26
CA LYS C 96 28.29 -25.86 -9.66
C LYS C 96 28.10 -24.55 -8.93
N ILE C 97 27.34 -23.65 -9.53
CA ILE C 97 27.04 -22.34 -8.91
C ILE C 97 26.21 -22.56 -7.65
N MET C 98 25.21 -23.42 -7.71
CA MET C 98 24.29 -23.67 -6.58
C MET C 98 25.08 -24.34 -5.46
N LYS C 99 26.05 -25.21 -5.80
CA LYS C 99 26.88 -25.87 -4.77
C LYS C 99 27.69 -24.80 -4.01
N SER C 100 28.30 -23.89 -4.76
CA SER C 100 29.12 -22.78 -4.21
C SER C 100 28.24 -21.87 -3.34
N VAL C 101 27.05 -21.51 -3.81
CA VAL C 101 26.12 -20.68 -3.00
C VAL C 101 25.75 -21.44 -1.72
N ALA C 102 25.44 -22.72 -1.83
CA ALA C 102 25.08 -23.56 -0.68
C ALA C 102 26.19 -23.48 0.38
N GLU C 103 27.45 -23.64 -0.05
CA GLU C 103 28.61 -23.52 0.87
C GLU C 103 28.70 -22.12 1.49
N SER C 104 28.49 -21.06 0.72
CA SER C 104 28.58 -19.67 1.26
C SER C 104 27.46 -19.45 2.28
N VAL C 105 26.26 -19.97 2.03
CA VAL C 105 25.08 -19.76 2.96
C VAL C 105 25.40 -20.47 4.29
N LYS C 106 25.94 -21.67 4.20
CA LYS C 106 26.35 -22.45 5.40
C LYS C 106 27.40 -21.66 6.22
N LEU C 107 28.41 -21.11 5.53
CA LEU C 107 29.49 -20.32 6.14
C LEU C 107 28.92 -19.04 6.74
N HIS C 108 28.07 -18.28 6.05
CA HIS C 108 27.83 -16.86 6.43
C HIS C 108 26.46 -16.64 7.09
N CYS C 109 25.43 -17.41 6.76
CA CYS C 109 24.04 -17.11 7.18
C CYS C 109 23.27 -18.43 7.24
N SER C 110 23.71 -19.34 8.12
CA SER C 110 23.16 -20.70 8.20
C SER C 110 21.75 -20.71 8.79
N LYS C 111 21.26 -19.60 9.34
CA LYS C 111 19.90 -19.50 9.92
C LYS C 111 18.96 -18.86 8.91
N ALA C 112 19.41 -18.58 7.70
CA ALA C 112 18.53 -17.99 6.65
C ALA C 112 17.44 -18.97 6.23
N PHE C 113 16.33 -18.43 5.82
CA PHE C 113 15.27 -19.10 5.03
C PHE C 113 15.69 -18.87 3.57
N VAL C 114 15.82 -19.96 2.84
CA VAL C 114 16.39 -19.95 1.48
C VAL C 114 15.26 -20.22 0.46
N ILE C 115 15.10 -19.32 -0.50
CA ILE C 115 14.19 -19.49 -1.66
C ILE C 115 15.06 -19.64 -2.91
N CYS C 116 15.07 -20.85 -3.48
CA CYS C 116 15.84 -21.23 -4.69
C CYS C 116 15.01 -20.88 -5.91
N VAL C 117 15.60 -20.27 -6.92
CA VAL C 117 14.83 -19.85 -8.12
C VAL C 117 15.54 -20.31 -9.39
N SER C 118 16.85 -20.51 -9.38
CA SER C 118 17.66 -20.95 -10.55
C SER C 118 17.12 -22.19 -11.25
N ASN C 119 17.27 -22.23 -12.57
CA ASN C 119 16.73 -23.34 -13.38
C ASN C 119 17.82 -24.37 -13.63
N PRO C 120 17.42 -25.63 -13.90
CA PRO C 120 16.02 -26.06 -13.72
C PRO C 120 15.66 -26.18 -12.23
N LEU C 121 14.54 -25.58 -11.84
CA LEU C 121 14.21 -25.34 -10.42
C LEU C 121 14.15 -26.63 -9.60
N ASP C 122 13.52 -27.68 -10.08
CA ASP C 122 13.34 -28.95 -9.31
C ASP C 122 14.69 -29.56 -8.93
N ILE C 123 15.55 -29.41 -9.77
CA ILE C 123 16.92 -29.93 -9.58
C ILE C 123 17.64 -28.97 -8.62
N MET C 124 17.74 -27.77 -8.92
CA MET C 124 18.66 -26.83 -8.24
C MET C 124 18.24 -26.68 -6.75
N VAL C 125 16.97 -26.82 -6.39
CA VAL C 125 16.58 -26.83 -4.94
C VAL C 125 17.18 -28.04 -4.24
N ASN C 126 17.17 -29.22 -4.88
CA ASN C 126 17.77 -30.47 -4.33
C ASN C 126 19.29 -30.29 -4.23
N VAL C 127 19.91 -29.62 -5.21
CA VAL C 127 21.38 -29.42 -5.16
C VAL C 127 21.71 -28.53 -3.95
N PHE C 128 20.94 -27.48 -3.74
CA PHE C 128 21.15 -26.55 -2.60
C PHE C 128 21.06 -27.34 -1.29
N HIS C 129 20.04 -28.17 -1.13
CA HIS C 129 19.84 -28.93 0.12
C HIS C 129 21.03 -29.83 0.35
N LYS C 130 21.47 -30.52 -0.67
CA LYS C 130 22.52 -31.56 -0.51
C LYS C 130 23.80 -30.93 0.01
N PHE C 131 24.18 -29.76 -0.49
CA PHE C 131 25.52 -29.19 -0.21
C PHE C 131 25.45 -28.10 0.84
N SER C 132 24.27 -27.70 1.32
CA SER C 132 24.15 -26.58 2.29
C SER C 132 24.35 -27.02 3.72
N ASN C 133 23.94 -28.23 4.05
CA ASN C 133 23.81 -28.74 5.44
C ASN C 133 22.83 -27.87 6.20
N LEU C 134 21.85 -27.25 5.53
CA LEU C 134 20.76 -26.50 6.20
C LEU C 134 19.58 -27.41 6.45
N PRO C 135 18.74 -27.06 7.44
CA PRO C 135 17.54 -27.85 7.73
C PRO C 135 16.61 -27.83 6.51
N HIS C 136 15.92 -28.93 6.25
CA HIS C 136 15.05 -29.02 5.04
C HIS C 136 13.89 -28.03 5.15
N GLU C 137 13.41 -27.72 6.35
CA GLU C 137 12.27 -26.78 6.58
C GLU C 137 12.68 -25.34 6.17
N LYS C 138 13.96 -25.03 6.13
CA LYS C 138 14.46 -23.68 5.90
C LYS C 138 14.82 -23.50 4.43
N ILE C 139 14.44 -24.42 3.58
CA ILE C 139 14.72 -24.38 2.12
C ILE C 139 13.40 -24.57 1.38
N CYS C 140 13.22 -23.86 0.31
CA CYS C 140 12.13 -24.13 -0.65
C CYS C 140 12.54 -23.61 -2.03
N GLY C 141 11.75 -23.93 -3.04
CA GLY C 141 11.92 -23.44 -4.40
C GLY C 141 10.61 -22.80 -4.84
N MET C 142 10.68 -21.66 -5.48
CA MET C 142 9.51 -20.97 -6.03
C MET C 142 9.30 -21.58 -7.41
N ALA C 143 8.13 -22.19 -7.63
CA ALA C 143 7.62 -22.60 -8.96
C ALA C 143 6.08 -22.59 -9.00
N GLY C 144 5.43 -23.43 -8.17
CA GLY C 144 3.99 -23.76 -8.28
C GLY C 144 3.11 -22.51 -8.28
N ILE C 145 3.52 -21.43 -7.60
CA ILE C 145 2.71 -20.20 -7.46
C ILE C 145 2.51 -19.64 -8.87
N LEU C 146 3.52 -19.73 -9.72
CA LEU C 146 3.45 -19.17 -11.10
C LEU C 146 2.40 -19.96 -11.89
N ASP C 147 2.50 -21.27 -11.87
CA ASP C 147 1.56 -22.17 -12.59
C ASP C 147 0.14 -21.94 -12.06
N THR C 148 -0.04 -21.93 -10.74
CA THR C 148 -1.35 -21.65 -10.08
C THR C 148 -1.89 -20.27 -10.54
N SER C 149 -1.06 -19.24 -10.54
CA SER C 149 -1.48 -17.86 -10.88
C SER C 149 -1.97 -17.86 -12.32
N ARG C 150 -1.27 -18.56 -13.23
CA ARG C 150 -1.64 -18.57 -14.67
C ARG C 150 -2.96 -19.29 -14.87
N TYR C 151 -3.09 -20.45 -14.26
CA TYR C 151 -4.29 -21.30 -14.37
C TYR C 151 -5.47 -20.52 -13.80
N CYS C 152 -5.33 -19.93 -12.61
CA CYS C 152 -6.44 -19.20 -11.95
C CYS C 152 -6.81 -17.96 -12.79
N SER C 153 -5.83 -17.23 -13.34
CA SER C 153 -6.14 -16.01 -14.12
C SER C 153 -6.88 -16.42 -15.39
N LEU C 154 -6.50 -17.53 -16.03
CA LEU C 154 -7.21 -17.99 -17.27
C LEU C 154 -8.62 -18.49 -16.95
N ILE C 155 -8.80 -19.18 -15.81
CA ILE C 155 -10.17 -19.65 -15.40
C ILE C 155 -11.00 -18.36 -15.15
N ALA C 156 -10.45 -17.40 -14.43
CA ALA C 156 -11.18 -16.16 -14.08
C ALA C 156 -11.57 -15.44 -15.35
N ASP C 157 -10.66 -15.29 -16.33
CA ASP C 157 -10.97 -14.63 -17.63
C ASP C 157 -12.18 -15.29 -18.29
N LYS C 158 -12.24 -16.62 -18.33
CA LYS C 158 -13.30 -17.37 -19.03
C LYS C 158 -14.63 -17.20 -18.29
N LEU C 159 -14.63 -17.20 -16.95
CA LEU C 159 -15.88 -17.03 -16.15
C LEU C 159 -16.26 -15.55 -16.02
N LYS C 160 -15.45 -14.63 -16.52
CA LYS C 160 -15.66 -13.17 -16.47
C LYS C 160 -15.75 -12.71 -15.01
N VAL C 161 -14.84 -13.18 -14.16
CA VAL C 161 -14.76 -12.82 -12.72
C VAL C 161 -13.36 -12.33 -12.42
N SER C 162 -13.24 -11.57 -11.36
CA SER C 162 -11.95 -11.28 -10.72
C SER C 162 -11.19 -12.61 -10.51
N ALA C 163 -9.86 -12.59 -10.63
CA ALA C 163 -8.99 -13.70 -10.15
C ALA C 163 -8.80 -13.68 -8.63
N GLU C 164 -9.19 -12.65 -7.88
CA GLU C 164 -8.79 -12.52 -6.46
C GLU C 164 -9.24 -13.74 -5.64
N ASP C 165 -10.36 -14.36 -5.97
CA ASP C 165 -10.89 -15.48 -5.14
C ASP C 165 -10.90 -16.80 -5.92
N VAL C 166 -10.15 -16.89 -7.01
CA VAL C 166 -9.93 -18.18 -7.74
C VAL C 166 -8.68 -18.85 -7.16
N ASN C 167 -8.83 -20.05 -6.64
CA ASN C 167 -7.78 -20.79 -5.90
C ASN C 167 -7.70 -22.19 -6.49
N ALA C 168 -6.50 -22.75 -6.58
CA ALA C 168 -6.32 -24.11 -7.15
C ALA C 168 -5.07 -24.76 -6.58
N VAL C 169 -5.09 -26.06 -6.46
CA VAL C 169 -3.89 -26.85 -6.10
C VAL C 169 -3.31 -27.40 -7.40
N ILE C 170 -2.06 -27.08 -7.65
CA ILE C 170 -1.24 -27.71 -8.72
C ILE C 170 0.03 -28.29 -8.09
N LEU C 171 0.20 -29.61 -8.21
CA LEU C 171 1.36 -30.40 -7.68
C LEU C 171 2.44 -30.54 -8.78
N GLY C 172 3.68 -30.88 -8.38
CA GLY C 172 4.78 -31.23 -9.32
C GLY C 172 5.52 -30.00 -9.80
N GLY C 173 6.21 -30.05 -10.94
CA GLY C 173 6.99 -28.91 -11.46
C GLY C 173 6.29 -28.24 -12.63
N HIS C 174 7.07 -27.51 -13.44
CA HIS C 174 6.62 -26.81 -14.69
C HIS C 174 6.40 -27.83 -15.81
N GLY C 175 5.56 -27.48 -16.78
CA GLY C 175 5.38 -28.17 -18.07
C GLY C 175 4.79 -29.55 -17.88
N ASP C 176 5.45 -30.58 -18.36
CA ASP C 176 4.94 -31.96 -18.26
C ASP C 176 4.96 -32.42 -16.80
N LEU C 177 5.79 -31.83 -15.96
CA LEU C 177 5.89 -32.22 -14.52
C LEU C 177 4.62 -31.79 -13.75
N MET C 178 3.73 -31.00 -14.37
CA MET C 178 2.65 -30.28 -13.67
C MET C 178 1.42 -31.17 -13.50
N VAL C 179 0.85 -31.23 -12.29
CA VAL C 179 -0.37 -32.04 -11.99
C VAL C 179 -1.44 -31.14 -11.35
N PRO C 180 -2.33 -30.54 -12.17
CA PRO C 180 -3.38 -29.64 -11.68
C PRO C 180 -4.55 -30.48 -11.15
N LEU C 181 -5.22 -30.03 -10.09
CA LEU C 181 -6.37 -30.76 -9.49
C LEU C 181 -7.64 -29.91 -9.62
N GLN C 182 -8.46 -30.24 -10.61
CA GLN C 182 -9.79 -29.63 -10.79
C GLN C 182 -10.63 -29.77 -9.51
N ARG C 183 -10.52 -30.88 -8.79
CA ARG C 183 -11.29 -31.15 -7.55
C ARG C 183 -10.92 -30.10 -6.49
N TYR C 184 -9.71 -29.55 -6.55
CA TYR C 184 -9.19 -28.59 -5.56
C TYR C 184 -9.03 -27.23 -6.25
N THR C 185 -9.94 -26.93 -7.17
CA THR C 185 -10.06 -25.61 -7.80
C THR C 185 -11.41 -24.99 -7.38
N SER C 186 -11.43 -23.77 -6.90
CA SER C 186 -12.69 -23.13 -6.42
C SER C 186 -12.68 -21.63 -6.77
N VAL C 187 -13.88 -21.10 -6.90
CA VAL C 187 -14.20 -19.68 -7.22
C VAL C 187 -15.00 -19.15 -6.04
N ASN C 188 -14.33 -18.38 -5.18
CA ASN C 188 -14.85 -17.89 -3.88
C ASN C 188 -15.57 -19.01 -3.13
N GLY C 189 -14.90 -20.15 -2.99
CA GLY C 189 -15.39 -21.30 -2.22
C GLY C 189 -16.18 -22.30 -3.07
N VAL C 190 -16.69 -21.90 -4.23
CA VAL C 190 -17.57 -22.76 -5.09
C VAL C 190 -16.69 -23.63 -5.98
N PRO C 191 -16.77 -24.97 -5.90
CA PRO C 191 -15.95 -25.81 -6.77
C PRO C 191 -16.14 -25.48 -8.25
N LEU C 192 -15.05 -25.55 -9.02
CA LEU C 192 -15.04 -25.39 -10.49
C LEU C 192 -16.15 -26.24 -11.14
N SER C 193 -16.36 -27.46 -10.66
CA SER C 193 -17.35 -28.41 -11.24
C SER C 193 -18.74 -27.77 -11.32
N GLU C 194 -19.11 -26.85 -10.40
CA GLU C 194 -20.45 -26.22 -10.42
C GLU C 194 -20.57 -25.28 -11.63
N PHE C 195 -19.46 -24.67 -12.06
CA PHE C 195 -19.43 -23.77 -13.24
C PHE C 195 -19.57 -24.63 -14.50
N VAL C 196 -18.96 -25.82 -14.51
CA VAL C 196 -19.10 -26.77 -15.65
C VAL C 196 -20.57 -27.17 -15.75
N LYS C 197 -21.17 -27.60 -14.63
CA LYS C 197 -22.60 -27.96 -14.50
C LYS C 197 -23.46 -26.84 -15.05
N LYS C 198 -23.15 -25.58 -14.80
CA LYS C 198 -23.98 -24.43 -15.28
C LYS C 198 -23.57 -23.99 -16.68
N ASN C 199 -22.67 -24.72 -17.36
CA ASN C 199 -22.19 -24.41 -18.75
C ASN C 199 -21.65 -22.99 -18.82
N MET C 200 -20.97 -22.51 -17.77
CA MET C 200 -20.23 -21.23 -17.80
C MET C 200 -18.81 -21.50 -18.27
N ILE C 201 -18.37 -22.76 -18.22
CA ILE C 201 -17.06 -23.20 -18.78
C ILE C 201 -17.20 -24.69 -19.10
N SER C 202 -16.56 -25.17 -20.16
CA SER C 202 -16.64 -26.59 -20.60
C SER C 202 -15.37 -27.31 -20.13
N GLN C 203 -15.40 -28.62 -20.07
CA GLN C 203 -14.20 -29.43 -19.75
C GLN C 203 -13.13 -29.20 -20.83
N ASN C 204 -13.52 -28.97 -22.08
CA ASN C 204 -12.58 -28.68 -23.20
C ASN C 204 -11.88 -27.35 -22.95
N GLU C 205 -12.64 -26.35 -22.47
CA GLU C 205 -12.03 -25.04 -22.15
C GLU C 205 -11.03 -25.24 -20.99
N ILE C 206 -11.35 -26.10 -20.00
CA ILE C 206 -10.43 -26.31 -18.85
C ILE C 206 -9.17 -27.01 -19.36
N GLN C 207 -9.31 -27.99 -20.25
CA GLN C 207 -8.13 -28.70 -20.81
C GLN C 207 -7.26 -27.69 -21.57
N GLU C 208 -7.88 -26.79 -22.31
CA GLU C 208 -7.15 -25.80 -23.13
C GLU C 208 -6.36 -24.90 -22.17
N ILE C 209 -7.01 -24.47 -21.09
CA ILE C 209 -6.37 -23.64 -20.04
C ILE C 209 -5.22 -24.40 -19.39
N ILE C 210 -5.37 -25.70 -19.14
CA ILE C 210 -4.26 -26.51 -18.55
C ILE C 210 -3.04 -26.52 -19.51
N GLN C 211 -3.30 -26.67 -20.81
CA GLN C 211 -2.24 -26.68 -21.86
C GLN C 211 -1.56 -25.29 -21.92
N LYS C 212 -2.35 -24.21 -21.98
CA LYS C 212 -1.74 -22.86 -21.95
C LYS C 212 -0.90 -22.71 -20.67
N THR C 213 -1.33 -23.27 -19.54
CA THR C 213 -0.59 -23.15 -18.27
C THR C 213 0.75 -23.87 -18.44
N ARG C 214 0.75 -25.10 -18.94
CA ARG C 214 1.99 -25.89 -19.09
C ARG C 214 3.00 -25.12 -19.94
N ASN C 215 2.51 -24.44 -20.99
CA ASN C 215 3.33 -23.86 -22.08
C ASN C 215 3.69 -22.40 -21.80
N MET C 216 3.24 -21.81 -20.67
CA MET C 216 3.22 -20.33 -20.53
C MET C 216 4.65 -19.78 -20.49
N GLY C 217 5.53 -20.41 -19.74
CA GLY C 217 6.95 -20.04 -19.62
C GLY C 217 7.59 -19.98 -20.99
N ALA C 218 7.37 -20.97 -21.85
CA ALA C 218 7.95 -21.05 -23.19
C ALA C 218 7.28 -19.97 -24.05
N GLU C 219 5.99 -19.71 -23.85
CA GLU C 219 5.26 -18.69 -24.66
C GLU C 219 5.85 -17.29 -24.40
N ILE C 220 6.09 -16.96 -23.14
CA ILE C 220 6.68 -15.66 -22.75
C ILE C 220 8.09 -15.58 -23.35
N ILE C 221 8.88 -16.66 -23.24
CA ILE C 221 10.25 -16.70 -23.83
C ILE C 221 10.13 -16.46 -25.33
N LYS C 222 9.16 -17.08 -26.00
CA LYS C 222 9.01 -16.96 -27.49
C LYS C 222 8.63 -15.51 -27.87
N LEU C 223 7.82 -14.82 -27.08
CA LEU C 223 7.29 -13.47 -27.40
C LEU C 223 8.28 -12.40 -26.94
N ALA C 224 8.73 -12.46 -25.69
CA ALA C 224 9.57 -11.39 -25.09
C ALA C 224 11.06 -11.67 -25.34
N LYS C 225 11.43 -12.84 -25.89
CA LYS C 225 12.86 -13.26 -26.07
C LYS C 225 13.62 -13.15 -24.74
N ALA C 226 12.92 -13.41 -23.64
CA ALA C 226 13.42 -13.37 -22.25
C ALA C 226 12.37 -14.08 -21.38
N SER C 227 12.83 -14.70 -20.30
CA SER C 227 11.94 -15.49 -19.42
C SER C 227 11.21 -14.50 -18.52
N ALA C 228 10.06 -14.95 -18.03
CA ALA C 228 9.21 -14.17 -17.13
C ALA C 228 10.08 -13.60 -16.00
N ALA C 229 9.80 -12.37 -15.55
CA ALA C 229 10.57 -11.76 -14.44
C ALA C 229 9.62 -11.15 -13.39
N PHE C 230 8.59 -10.38 -13.79
CA PHE C 230 7.67 -9.71 -12.83
C PHE C 230 6.94 -10.74 -11.96
N ALA C 231 6.28 -11.72 -12.57
CA ALA C 231 5.45 -12.68 -11.82
C ALA C 231 6.31 -13.58 -10.93
N PRO C 232 7.45 -14.13 -11.40
CA PRO C 232 8.37 -14.84 -10.50
C PRO C 232 8.76 -14.01 -9.28
N ALA C 233 9.12 -12.74 -9.50
CA ALA C 233 9.47 -11.82 -8.40
C ALA C 233 8.30 -11.67 -7.43
N ALA C 234 7.08 -11.49 -7.92
CA ALA C 234 5.89 -11.32 -7.05
C ALA C 234 5.71 -12.59 -6.23
N ALA C 235 5.88 -13.77 -6.83
CA ALA C 235 5.69 -15.07 -6.15
C ALA C 235 6.73 -15.20 -5.04
N ILE C 236 7.98 -14.85 -5.35
CA ILE C 236 9.10 -14.91 -4.37
C ILE C 236 8.77 -13.97 -3.20
N THR C 237 8.31 -12.76 -3.49
CA THR C 237 8.03 -11.73 -2.46
C THR C 237 6.90 -12.25 -1.54
N LYS C 238 5.88 -12.89 -2.09
CA LYS C 238 4.81 -13.47 -1.25
C LYS C 238 5.40 -14.51 -0.29
N MET C 239 6.32 -15.37 -0.76
CA MET C 239 6.91 -16.43 0.10
C MET C 239 7.76 -15.80 1.19
N ILE C 240 8.51 -14.77 0.84
CA ILE C 240 9.32 -14.03 1.84
C ILE C 240 8.40 -13.50 2.95
N LYS C 241 7.35 -12.81 2.55
CA LYS C 241 6.39 -12.17 3.50
C LYS C 241 5.75 -13.23 4.41
N SER C 242 5.37 -14.38 3.88
CA SER C 242 4.78 -15.46 4.70
C SER C 242 5.75 -15.93 5.78
N TYR C 243 7.05 -16.08 5.46
CA TYR C 243 8.08 -16.44 6.46
C TYR C 243 8.28 -15.34 7.52
N LEU C 244 8.54 -14.12 7.08
CA LEU C 244 8.90 -12.97 7.95
C LEU C 244 7.75 -12.65 8.90
N TYR C 245 6.51 -12.67 8.44
CA TYR C 245 5.34 -12.29 9.29
C TYR C 245 4.64 -13.54 9.84
N ASN C 246 5.26 -14.73 9.72
CA ASN C 246 4.74 -15.95 10.36
C ASN C 246 3.30 -16.15 9.93
N GLU C 247 2.99 -16.14 8.63
CA GLU C 247 1.62 -15.94 8.16
C GLU C 247 0.89 -17.29 8.02
N ASN C 248 1.61 -18.39 7.85
CA ASN C 248 1.00 -19.69 7.46
C ASN C 248 0.15 -19.52 6.22
N ASN C 249 0.62 -18.75 5.25
CA ASN C 249 0.01 -18.73 3.89
C ASN C 249 0.32 -20.05 3.20
N LEU C 250 -0.59 -20.45 2.31
CA LEU C 250 -0.58 -21.74 1.60
C LEU C 250 -0.10 -21.57 0.16
N PHE C 251 0.81 -22.41 -0.26
CA PHE C 251 1.45 -22.30 -1.59
C PHE C 251 1.73 -23.70 -2.11
N THR C 252 1.86 -23.79 -3.42
CA THR C 252 2.58 -24.91 -4.03
C THR C 252 3.95 -24.32 -4.31
N CYS C 253 4.97 -24.93 -3.76
CA CYS C 253 6.38 -24.58 -3.95
C CYS C 253 7.15 -25.90 -3.84
N ALA C 254 8.41 -25.93 -4.25
CA ALA C 254 9.25 -27.11 -4.05
C ALA C 254 9.53 -27.14 -2.56
N VAL C 255 9.16 -28.24 -1.91
CA VAL C 255 9.21 -28.42 -0.44
C VAL C 255 9.69 -29.84 -0.16
N TYR C 256 10.32 -30.06 0.98
CA TYR C 256 10.85 -31.40 1.31
C TYR C 256 9.70 -32.32 1.71
N LEU C 257 9.48 -33.36 0.92
CA LEU C 257 8.50 -34.42 1.28
C LEU C 257 9.16 -35.42 2.22
N ASN C 258 8.42 -35.80 3.24
CA ASN C 258 8.93 -36.67 4.31
C ASN C 258 7.90 -37.74 4.59
N GLY C 259 7.51 -38.54 3.60
CA GLY C 259 6.45 -39.54 3.70
C GLY C 259 5.20 -39.15 2.93
N HIS C 260 5.03 -37.86 2.69
CA HIS C 260 3.88 -37.28 1.97
C HIS C 260 3.82 -37.81 0.55
N TYR C 261 2.62 -38.20 0.11
CA TYR C 261 2.32 -38.52 -1.31
C TYR C 261 3.26 -39.66 -1.75
N ASN C 262 3.53 -40.60 -0.86
CA ASN C 262 4.40 -41.79 -1.08
C ASN C 262 5.86 -41.38 -1.39
N CYS C 263 6.34 -40.26 -0.88
CA CYS C 263 7.67 -39.70 -1.22
C CYS C 263 8.34 -39.24 0.06
N SER C 264 9.60 -39.59 0.26
CA SER C 264 10.46 -38.94 1.27
C SER C 264 11.84 -38.63 0.67
N ASN C 265 12.50 -37.70 1.31
CA ASN C 265 13.92 -37.34 1.05
C ASN C 265 14.07 -36.75 -0.33
N LEU C 266 13.15 -35.89 -0.75
CA LEU C 266 13.22 -35.17 -2.05
C LEU C 266 12.44 -33.86 -1.92
N PHE C 267 12.97 -32.78 -2.50
CA PHE C 267 12.18 -31.55 -2.75
C PHE C 267 11.41 -31.73 -4.06
N VAL C 268 10.12 -31.46 -3.98
CA VAL C 268 9.20 -31.51 -5.14
C VAL C 268 8.14 -30.44 -4.97
N GLY C 269 7.59 -29.94 -6.06
CA GLY C 269 6.40 -29.06 -6.01
C GLY C 269 5.24 -29.75 -5.29
N SER C 270 4.75 -29.15 -4.21
CA SER C 270 3.70 -29.76 -3.38
C SER C 270 2.95 -28.68 -2.61
N THR C 271 1.87 -29.09 -1.96
CA THR C 271 1.08 -28.28 -1.03
C THR C 271 1.92 -28.06 0.24
N ALA C 272 2.10 -26.80 0.60
CA ALA C 272 2.90 -26.40 1.76
C ALA C 272 2.32 -25.15 2.39
N LYS C 273 2.67 -24.92 3.64
CA LYS C 273 2.42 -23.62 4.23
C LYS C 273 3.77 -23.07 4.71
N ILE C 274 3.87 -21.74 4.69
CA ILE C 274 5.11 -21.04 5.09
C ILE C 274 4.85 -20.18 6.34
N ASN C 275 5.64 -20.39 7.36
CA ASN C 275 5.62 -19.59 8.61
C ASN C 275 7.07 -19.33 9.02
N ASN C 276 7.30 -18.74 10.19
CA ASN C 276 8.66 -18.29 10.57
C ASN C 276 9.52 -19.50 10.93
N LYS C 277 8.99 -20.74 10.89
CA LYS C 277 9.83 -21.96 11.05
C LYS C 277 10.16 -22.56 9.69
N GLY C 278 9.64 -21.98 8.60
CA GLY C 278 9.98 -22.42 7.25
C GLY C 278 8.79 -22.90 6.44
N ALA C 279 9.05 -23.86 5.55
CA ALA C 279 8.12 -24.35 4.54
C ALA C 279 7.81 -25.80 4.89
N HIS C 280 6.53 -26.14 5.10
CA HIS C 280 6.10 -27.42 5.70
C HIS C 280 5.10 -28.06 4.75
N PRO C 281 5.36 -29.30 4.27
CA PRO C 281 4.38 -29.96 3.42
C PRO C 281 3.12 -30.35 4.21
N VAL C 282 2.03 -30.49 3.49
CA VAL C 282 0.79 -31.14 3.98
C VAL C 282 0.31 -32.09 2.89
N GLU C 283 -0.25 -33.21 3.30
CA GLU C 283 -0.76 -34.20 2.31
C GLU C 283 -2.29 -34.07 2.23
N PHE C 284 -2.85 -34.00 1.03
CA PHE C 284 -4.32 -34.15 0.84
C PHE C 284 -4.60 -35.47 0.13
N PRO C 285 -5.81 -36.05 0.31
CA PRO C 285 -6.18 -37.30 -0.35
C PRO C 285 -6.33 -37.13 -1.86
N LEU C 286 -5.44 -37.76 -2.62
CA LEU C 286 -5.58 -37.88 -4.09
C LEU C 286 -6.33 -39.17 -4.41
N THR C 287 -7.03 -39.19 -5.54
CA THR C 287 -7.48 -40.42 -6.20
C THR C 287 -6.24 -41.20 -6.64
N LYS C 288 -6.42 -42.46 -7.07
CA LYS C 288 -5.33 -43.34 -7.52
C LYS C 288 -4.71 -42.74 -8.78
N GLU C 289 -5.52 -42.23 -9.71
CA GLU C 289 -5.00 -41.66 -10.99
C GLU C 289 -4.24 -40.34 -10.69
N GLU C 290 -4.73 -39.49 -9.81
CA GLU C 290 -4.06 -38.22 -9.41
C GLU C 290 -2.68 -38.57 -8.79
N GLN C 291 -2.61 -39.59 -7.91
CA GLN C 291 -1.37 -40.01 -7.19
C GLN C 291 -0.43 -40.67 -8.19
N ASP C 292 -0.93 -41.46 -9.15
CA ASP C 292 -0.06 -42.07 -10.19
C ASP C 292 0.61 -40.95 -11.01
N LEU C 293 -0.14 -39.94 -11.42
CA LEU C 293 0.43 -38.78 -12.18
C LEU C 293 1.51 -38.06 -11.32
N TYR C 294 1.23 -37.81 -10.04
CA TYR C 294 2.19 -37.13 -9.14
C TYR C 294 3.45 -37.98 -8.98
N THR C 295 3.29 -39.29 -8.76
CA THR C 295 4.42 -40.23 -8.56
C THR C 295 5.28 -40.20 -9.82
N GLU C 296 4.67 -40.16 -10.99
CA GLU C 296 5.43 -40.00 -12.27
C GLU C 296 6.22 -38.68 -12.29
N SER C 297 5.63 -37.55 -11.86
CA SER C 297 6.31 -36.23 -11.75
C SER C 297 7.50 -36.34 -10.78
N ILE C 298 7.24 -36.99 -9.64
CA ILE C 298 8.27 -37.21 -8.60
C ILE C 298 9.43 -38.04 -9.14
N ALA C 299 9.12 -39.13 -9.86
CA ALA C 299 10.16 -40.06 -10.42
C ALA C 299 11.08 -39.30 -11.38
N SER C 300 10.53 -38.40 -12.18
CA SER C 300 11.29 -37.55 -13.14
C SER C 300 12.23 -36.62 -12.38
N VAL C 301 11.77 -35.96 -11.30
CA VAL C 301 12.59 -35.05 -10.47
C VAL C 301 13.72 -35.87 -9.83
N GLN C 302 13.38 -37.02 -9.25
CA GLN C 302 14.35 -37.94 -8.63
C GLN C 302 15.45 -38.25 -9.65
N SER C 303 15.02 -38.69 -10.84
CA SER C 303 15.94 -39.14 -11.93
C SER C 303 16.86 -37.99 -12.38
N ASN C 304 16.30 -36.81 -12.59
CA ASN C 304 17.06 -35.62 -13.08
C ASN C 304 18.01 -35.09 -12.01
N THR C 305 17.57 -35.12 -10.75
CA THR C 305 18.40 -34.68 -9.60
C THR C 305 19.62 -35.61 -9.49
N GLN C 306 19.41 -36.91 -9.57
CA GLN C 306 20.51 -37.90 -9.51
C GLN C 306 21.48 -37.60 -10.65
N LYS C 307 20.97 -37.41 -11.88
CA LYS C 307 21.84 -37.13 -13.06
C LYS C 307 22.64 -35.87 -12.78
N ALA C 308 22.01 -34.85 -12.19
CA ALA C 308 22.66 -33.55 -11.93
C ALA C 308 23.80 -33.73 -10.94
N PHE C 309 23.63 -34.54 -9.88
CA PHE C 309 24.71 -34.74 -8.86
C PHE C 309 25.92 -35.36 -9.57
N ASP C 310 25.68 -36.31 -10.48
CA ASP C 310 26.75 -36.97 -11.30
C ASP C 310 27.44 -35.91 -12.19
N LEU C 311 26.66 -35.07 -12.88
CA LEU C 311 27.21 -34.00 -13.76
C LEU C 311 28.01 -33.00 -12.95
N ILE C 312 27.93 -33.05 -11.61
CA ILE C 312 28.68 -32.08 -10.77
C ILE C 312 29.99 -32.70 -10.22
N LYS C 313 30.34 -33.93 -10.64
CA LYS C 313 31.52 -34.77 -10.23
C LYS C 313 31.29 -35.31 -8.83
N THR D 2 7.20 -8.98 16.13
CA THR D 2 7.12 -7.60 16.78
C THR D 2 5.76 -7.47 17.47
N LYS D 3 5.77 -6.96 18.68
CA LYS D 3 4.57 -6.85 19.56
C LYS D 3 4.32 -5.37 19.90
N ILE D 4 3.16 -4.86 19.51
CA ILE D 4 2.70 -3.47 19.71
C ILE D 4 1.59 -3.52 20.77
N ALA D 5 1.83 -2.91 21.93
CA ALA D 5 0.88 -2.85 23.05
C ALA D 5 0.21 -1.48 23.09
N LEU D 6 -1.10 -1.46 22.93
CA LEU D 6 -1.94 -0.26 23.09
C LEU D 6 -2.50 -0.22 24.52
N ILE D 7 -1.95 0.67 25.34
CA ILE D 7 -2.41 0.90 26.73
C ILE D 7 -3.51 1.96 26.66
N GLY D 8 -4.77 1.49 26.59
CA GLY D 8 -5.91 2.32 26.20
C GLY D 8 -6.48 1.84 24.89
N SER D 9 -7.72 1.37 24.93
CA SER D 9 -8.43 0.82 23.73
C SER D 9 -9.64 1.69 23.38
N GLY D 10 -9.57 3.01 23.62
CA GLY D 10 -10.56 4.03 23.19
C GLY D 10 -10.37 4.38 21.69
N GLN D 11 -10.96 5.47 21.25
CA GLN D 11 -10.97 5.88 19.83
C GLN D 11 -9.56 5.89 19.25
N ILE D 12 -8.61 6.59 19.87
CA ILE D 12 -7.27 6.77 19.26
C ILE D 12 -6.57 5.40 19.29
N GLY D 13 -6.64 4.65 20.38
CA GLY D 13 -5.91 3.38 20.46
C GLY D 13 -6.39 2.40 19.41
N ALA D 14 -7.69 2.35 19.19
CA ALA D 14 -8.28 1.39 18.23
C ALA D 14 -7.82 1.78 16.82
N ILE D 15 -7.81 3.08 16.51
CA ILE D 15 -7.42 3.53 15.16
C ILE D 15 -5.91 3.31 14.95
N VAL D 16 -5.10 3.52 15.96
CA VAL D 16 -3.66 3.15 15.91
C VAL D 16 -3.54 1.66 15.64
N GLY D 17 -4.29 0.83 16.34
CA GLY D 17 -4.31 -0.62 16.04
C GLY D 17 -4.63 -0.90 14.57
N GLU D 18 -5.71 -0.29 14.09
CA GLU D 18 -6.18 -0.45 12.69
C GLU D 18 -5.03 -0.09 11.72
N LEU D 19 -4.39 1.07 11.90
CA LEU D 19 -3.36 1.58 10.98
C LEU D 19 -2.11 0.71 11.11
N CYS D 20 -1.77 0.18 12.32
CA CYS D 20 -0.65 -0.78 12.47
C CYS D 20 -0.92 -2.07 11.67
N LEU D 21 -2.16 -2.56 11.64
CA LEU D 21 -2.55 -3.74 10.86
C LEU D 21 -2.46 -3.42 9.36
N LEU D 22 -3.00 -2.32 8.88
CA LEU D 22 -2.90 -1.92 7.46
C LEU D 22 -1.42 -1.83 7.03
N GLU D 23 -0.54 -1.29 7.86
CA GLU D 23 0.89 -1.08 7.54
C GLU D 23 1.66 -2.37 7.86
N ASN D 24 1.00 -3.41 8.37
CA ASN D 24 1.65 -4.67 8.77
C ASN D 24 2.82 -4.48 9.75
N LEU D 25 2.73 -3.61 10.75
CA LEU D 25 3.89 -3.26 11.62
C LEU D 25 4.10 -4.31 12.72
N GLY D 26 3.04 -5.07 13.09
CA GLY D 26 3.22 -6.03 14.18
C GLY D 26 1.93 -6.66 14.64
N ASP D 27 2.07 -7.58 15.58
CA ASP D 27 0.97 -8.16 16.37
C ASP D 27 0.52 -7.08 17.34
N LEU D 28 -0.75 -7.10 17.70
CA LEU D 28 -1.34 -6.12 18.62
C LEU D 28 -1.71 -6.79 19.93
N ILE D 29 -1.53 -6.01 20.98
CA ILE D 29 -2.17 -6.20 22.31
C ILE D 29 -3.01 -4.96 22.57
N LEU D 30 -4.32 -5.10 22.62
CA LEU D 30 -5.26 -4.03 23.01
C LEU D 30 -5.54 -4.21 24.49
N TYR D 31 -4.98 -3.34 25.33
CA TYR D 31 -5.21 -3.36 26.79
C TYR D 31 -6.12 -2.20 27.19
N ASP D 32 -7.01 -2.46 28.14
CA ASP D 32 -7.83 -1.40 28.76
C ASP D 32 -8.22 -1.88 30.16
N VAL D 33 -8.57 -0.96 31.05
CA VAL D 33 -9.05 -1.33 32.41
C VAL D 33 -10.49 -1.79 32.34
N VAL D 34 -11.28 -1.33 31.37
CA VAL D 34 -12.74 -1.61 31.30
C VAL D 34 -12.96 -3.00 30.70
N PRO D 35 -13.58 -3.91 31.47
CA PRO D 35 -13.83 -5.27 31.01
C PRO D 35 -14.57 -5.28 29.67
N GLY D 36 -14.10 -6.09 28.73
CA GLY D 36 -14.85 -6.41 27.49
C GLY D 36 -14.51 -5.48 26.34
N ILE D 37 -14.17 -4.21 26.59
CA ILE D 37 -13.95 -3.23 25.50
C ILE D 37 -12.83 -3.73 24.59
N PRO D 38 -11.63 -4.07 25.10
CA PRO D 38 -10.56 -4.48 24.22
C PRO D 38 -10.86 -5.82 23.52
N GLN D 39 -11.59 -6.73 24.19
CA GLN D 39 -12.01 -8.03 23.63
C GLN D 39 -12.90 -7.78 22.42
N GLY D 40 -13.88 -6.89 22.54
CA GLY D 40 -14.83 -6.56 21.45
C GLY D 40 -14.13 -5.93 20.28
N LYS D 41 -13.28 -4.94 20.53
CA LYS D 41 -12.52 -4.25 19.48
C LYS D 41 -11.52 -5.22 18.83
N ALA D 42 -10.94 -6.16 19.58
CA ALA D 42 -10.02 -7.15 19.01
C ALA D 42 -10.79 -8.03 18.05
N LEU D 43 -12.00 -8.44 18.40
CA LEU D 43 -12.85 -9.25 17.47
C LEU D 43 -13.04 -8.47 16.17
N ASP D 44 -13.45 -7.20 16.30
CA ASP D 44 -13.73 -6.32 15.14
C ASP D 44 -12.47 -6.20 14.26
N LEU D 45 -11.33 -5.98 14.87
CA LEU D 45 -10.05 -5.80 14.12
C LEU D 45 -9.58 -7.12 13.52
N LYS D 46 -9.88 -8.27 14.12
CA LYS D 46 -9.59 -9.59 13.51
C LYS D 46 -10.45 -9.70 12.23
N HIS D 47 -11.73 -9.32 12.27
CA HIS D 47 -12.62 -9.48 11.09
C HIS D 47 -12.15 -8.54 10.00
N PHE D 48 -11.79 -7.32 10.37
CA PHE D 48 -11.26 -6.28 9.50
C PHE D 48 -10.01 -6.84 8.80
N SER D 49 -9.11 -7.47 9.57
CA SER D 49 -7.87 -8.10 9.04
C SER D 49 -8.19 -9.11 7.96
N THR D 50 -9.16 -9.98 8.20
CA THR D 50 -9.52 -11.06 7.27
C THR D 50 -10.01 -10.45 5.97
N ILE D 51 -10.82 -9.41 6.04
CA ILE D 51 -11.37 -8.78 4.82
C ILE D 51 -10.21 -8.12 4.08
N LEU D 52 -9.24 -7.51 4.76
CA LEU D 52 -8.17 -6.77 4.04
C LEU D 52 -6.92 -7.64 3.80
N GLY D 53 -6.87 -8.91 4.15
CA GLY D 53 -5.73 -9.79 3.89
C GLY D 53 -4.54 -9.52 4.80
N VAL D 54 -4.74 -9.03 6.02
CA VAL D 54 -3.70 -8.91 7.09
C VAL D 54 -3.75 -10.13 8.02
N ASN D 55 -2.62 -10.61 8.51
CA ASN D 55 -2.43 -11.95 9.12
C ASN D 55 -1.80 -11.84 10.51
N ARG D 56 -1.80 -10.69 11.12
CA ARG D 56 -1.19 -10.46 12.46
C ARG D 56 -2.12 -10.94 13.57
N ASN D 57 -1.55 -11.34 14.70
CA ASN D 57 -2.30 -11.69 15.93
C ASN D 57 -2.84 -10.40 16.56
N ILE D 58 -4.04 -10.46 17.13
CA ILE D 58 -4.67 -9.37 17.89
C ILE D 58 -5.22 -9.95 19.19
N LEU D 59 -4.76 -9.47 20.33
CA LEU D 59 -5.27 -9.90 21.64
C LEU D 59 -5.87 -8.68 22.31
N GLY D 60 -7.13 -8.78 22.72
CA GLY D 60 -7.76 -7.80 23.60
C GLY D 60 -7.74 -8.35 25.00
N THR D 61 -7.33 -7.55 25.99
CA THR D 61 -7.09 -8.08 27.33
C THR D 61 -7.30 -6.99 28.38
N ASN D 62 -7.69 -7.42 29.58
CA ASN D 62 -7.77 -6.57 30.78
C ASN D 62 -6.61 -6.92 31.71
N GLN D 63 -5.68 -7.78 31.28
CA GLN D 63 -4.54 -8.19 32.14
C GLN D 63 -3.24 -7.53 31.64
N ILE D 64 -2.73 -6.63 32.46
CA ILE D 64 -1.58 -5.74 32.11
C ILE D 64 -0.33 -6.60 31.80
N GLU D 65 -0.21 -7.77 32.42
CA GLU D 65 0.94 -8.68 32.18
C GLU D 65 0.97 -9.14 30.71
N ASP D 66 -0.13 -9.01 29.96
CA ASP D 66 -0.12 -9.40 28.53
C ASP D 66 0.74 -8.44 27.72
N ILE D 67 1.21 -7.33 28.29
CA ILE D 67 2.09 -6.41 27.52
C ILE D 67 3.54 -6.93 27.54
N LYS D 68 3.80 -8.06 28.18
CA LYS D 68 5.17 -8.60 28.42
C LYS D 68 6.02 -8.55 27.13
N ASP D 69 7.23 -8.02 27.21
CA ASP D 69 8.23 -7.92 26.13
C ASP D 69 7.67 -7.19 24.89
N ALA D 70 6.64 -6.35 25.00
CA ALA D 70 6.21 -5.50 23.89
C ALA D 70 7.39 -4.68 23.36
N ASP D 71 7.50 -4.54 22.04
CA ASP D 71 8.48 -3.67 21.36
C ASP D 71 8.05 -2.20 21.41
N ILE D 72 6.74 -1.97 21.39
CA ILE D 72 6.10 -0.65 21.26
C ILE D 72 5.00 -0.57 22.32
N ILE D 73 4.92 0.56 22.97
CA ILE D 73 3.84 0.92 23.91
C ILE D 73 3.26 2.23 23.40
N VAL D 74 1.95 2.29 23.24
CA VAL D 74 1.20 3.53 22.93
C VAL D 74 0.27 3.80 24.11
N ILE D 75 0.42 4.90 24.81
CA ILE D 75 -0.39 5.16 26.02
C ILE D 75 -1.43 6.24 25.71
N THR D 76 -2.69 5.85 25.67
CA THR D 76 -3.86 6.77 25.60
C THR D 76 -4.70 6.62 26.86
N ALA D 77 -4.29 5.80 27.84
CA ALA D 77 -4.99 5.57 29.10
C ALA D 77 -5.14 6.93 29.80
N GLY D 78 -6.35 7.24 30.19
CA GLY D 78 -6.69 8.57 30.69
C GLY D 78 -8.17 8.81 30.53
N VAL D 79 -8.65 9.93 31.04
CA VAL D 79 -10.06 10.36 30.89
C VAL D 79 -10.05 11.64 30.05
N GLN D 80 -11.23 11.96 29.54
CA GLN D 80 -11.61 13.25 28.90
C GLN D 80 -11.96 14.27 29.98
N ARG D 81 -11.68 15.54 29.71
CA ARG D 81 -12.02 16.66 30.62
C ARG D 81 -13.51 16.97 30.42
N LYS D 82 -14.25 16.96 31.54
CA LYS D 82 -15.69 17.33 31.67
C LYS D 82 -15.77 18.79 32.11
N GLU D 83 -16.97 19.40 32.07
CA GLU D 83 -17.13 20.83 32.42
C GLU D 83 -16.76 21.13 33.88
N GLY D 84 -17.20 20.30 34.84
CA GLY D 84 -16.87 20.54 36.26
C GLY D 84 -15.39 20.42 36.52
N MET D 85 -14.78 19.40 35.91
CA MET D 85 -13.33 19.06 35.95
C MET D 85 -12.48 20.25 35.48
N THR D 86 -11.66 20.75 36.38
CA THR D 86 -10.54 21.71 36.16
C THR D 86 -9.39 20.98 35.46
N ARG D 87 -8.51 21.77 34.87
CA ARG D 87 -7.20 21.35 34.32
C ARG D 87 -6.44 20.59 35.42
N GLU D 88 -6.49 21.06 36.66
CA GLU D 88 -5.81 20.45 37.82
C GLU D 88 -6.36 19.06 38.11
N ASP D 89 -7.69 18.88 38.05
CA ASP D 89 -8.37 17.58 38.31
C ASP D 89 -7.94 16.56 37.24
N LEU D 90 -7.97 16.97 35.95
CA LEU D 90 -7.53 16.16 34.80
C LEU D 90 -6.07 15.73 35.04
N ILE D 91 -5.16 16.67 35.36
CA ILE D 91 -3.72 16.39 35.65
C ILE D 91 -3.67 15.34 36.74
N GLY D 92 -4.47 15.47 37.79
CA GLY D 92 -4.45 14.52 38.93
C GLY D 92 -4.87 13.11 38.54
N VAL D 93 -5.94 12.98 37.78
CA VAL D 93 -6.50 11.66 37.37
C VAL D 93 -5.55 11.02 36.35
N ASN D 94 -5.18 11.72 35.28
CA ASN D 94 -4.33 11.16 34.20
C ASN D 94 -2.92 10.95 34.71
N GLY D 95 -2.47 11.78 35.65
CA GLY D 95 -1.13 11.68 36.26
C GLY D 95 -0.98 10.40 37.04
N LYS D 96 -1.99 10.07 37.82
CA LYS D 96 -2.02 8.84 38.66
C LYS D 96 -2.05 7.61 37.74
N ILE D 97 -2.80 7.72 36.64
CA ILE D 97 -2.92 6.62 35.68
C ILE D 97 -1.53 6.40 35.03
N MET D 98 -0.89 7.47 34.60
CA MET D 98 0.38 7.41 33.83
C MET D 98 1.45 6.89 34.80
N LYS D 99 1.37 7.21 36.10
CA LYS D 99 2.37 6.69 37.08
C LYS D 99 2.24 5.17 37.14
N SER D 100 1.01 4.69 37.28
CA SER D 100 0.69 3.24 37.31
C SER D 100 1.16 2.55 36.01
N VAL D 101 0.88 3.13 34.84
CA VAL D 101 1.32 2.56 33.54
C VAL D 101 2.85 2.51 33.51
N ALA D 102 3.52 3.57 33.95
CA ALA D 102 4.99 3.67 33.98
C ALA D 102 5.55 2.50 34.79
N GLU D 103 4.97 2.23 35.94
CA GLU D 103 5.38 1.10 36.80
C GLU D 103 5.15 -0.23 36.08
N SER D 104 4.00 -0.40 35.42
CA SER D 104 3.69 -1.67 34.72
C SER D 104 4.69 -1.86 33.56
N VAL D 105 5.08 -0.81 32.84
CA VAL D 105 5.98 -0.93 31.68
C VAL D 105 7.35 -1.35 32.18
N LYS D 106 7.80 -0.77 33.27
CA LYS D 106 9.10 -1.11 33.89
C LYS D 106 9.10 -2.61 34.28
N LEU D 107 8.00 -3.08 34.91
CA LEU D 107 7.85 -4.47 35.34
C LEU D 107 7.79 -5.38 34.12
N HIS D 108 6.99 -5.09 33.08
CA HIS D 108 6.62 -6.12 32.09
C HIS D 108 7.35 -5.95 30.76
N CYS D 109 7.72 -4.73 30.33
CA CYS D 109 8.29 -4.53 28.97
C CYS D 109 9.26 -3.36 28.98
N SER D 110 10.33 -3.48 29.76
CA SER D 110 11.25 -2.34 30.05
C SER D 110 12.08 -1.99 28.83
N LYS D 111 12.05 -2.81 27.77
CA LYS D 111 12.79 -2.56 26.50
C LYS D 111 11.90 -1.91 25.46
N ALA D 112 10.65 -1.59 25.81
CA ALA D 112 9.73 -0.97 24.85
C ALA D 112 10.17 0.47 24.50
N PHE D 113 9.88 0.88 23.28
CA PHE D 113 9.76 2.31 22.87
C PHE D 113 8.34 2.75 23.22
N VAL D 114 8.26 3.81 23.98
CA VAL D 114 7.00 4.29 24.61
C VAL D 114 6.57 5.60 23.92
N ILE D 115 5.37 5.62 23.35
CA ILE D 115 4.74 6.84 22.79
C ILE D 115 3.57 7.22 23.70
N CYS D 116 3.71 8.33 24.44
CA CYS D 116 2.73 8.89 25.39
C CYS D 116 1.78 9.78 24.63
N VAL D 117 0.48 9.60 24.87
CA VAL D 117 -0.53 10.41 24.13
C VAL D 117 -1.57 11.07 25.04
N SER D 118 -1.61 10.74 26.33
CA SER D 118 -2.62 11.25 27.30
C SER D 118 -2.53 12.75 27.61
N ASN D 119 -3.67 13.42 27.83
CA ASN D 119 -3.71 14.87 28.15
C ASN D 119 -3.41 15.22 29.61
N PRO D 120 -2.79 16.37 29.93
CA PRO D 120 -2.14 17.21 28.93
C PRO D 120 -0.83 16.57 28.45
N LEU D 121 -0.60 16.55 27.14
CA LEU D 121 0.50 15.77 26.54
C LEU D 121 1.88 16.15 27.07
N ASP D 122 2.19 17.44 27.16
CA ASP D 122 3.53 17.88 27.61
C ASP D 122 3.81 17.46 29.06
N ILE D 123 2.78 17.45 29.90
CA ILE D 123 2.96 17.00 31.31
C ILE D 123 3.12 15.48 31.34
N MET D 124 2.20 14.76 30.70
CA MET D 124 2.04 13.32 30.93
C MET D 124 3.28 12.58 30.40
N VAL D 125 3.95 13.08 29.34
CA VAL D 125 5.23 12.43 28.92
C VAL D 125 6.28 12.53 30.05
N ASN D 126 6.37 13.68 30.71
CA ASN D 126 7.32 13.91 31.83
C ASN D 126 6.95 13.00 32.98
N VAL D 127 5.67 12.84 33.26
CA VAL D 127 5.20 11.96 34.37
C VAL D 127 5.66 10.51 34.07
N PHE D 128 5.47 10.05 32.85
CA PHE D 128 5.86 8.67 32.45
C PHE D 128 7.38 8.49 32.71
N HIS D 129 8.18 9.43 32.24
CA HIS D 129 9.64 9.35 32.40
C HIS D 129 10.00 9.24 33.88
N LYS D 130 9.40 10.08 34.70
CA LYS D 130 9.82 10.17 36.11
C LYS D 130 9.61 8.85 36.81
N PHE D 131 8.52 8.16 36.55
CA PHE D 131 8.13 6.97 37.35
C PHE D 131 8.45 5.68 36.61
N SER D 132 8.95 5.73 35.37
CA SER D 132 9.22 4.50 34.58
C SER D 132 10.61 3.92 34.87
N ASN D 133 11.60 4.75 35.17
CA ASN D 133 13.02 4.33 35.22
C ASN D 133 13.45 3.77 33.87
N LEU D 134 12.80 4.18 32.77
CA LEU D 134 13.25 3.84 31.41
C LEU D 134 14.20 4.92 30.90
N PRO D 135 15.05 4.57 29.91
CA PRO D 135 15.94 5.53 29.31
C PRO D 135 15.14 6.63 28.61
N HIS D 136 15.66 7.85 28.64
CA HIS D 136 14.92 9.01 28.05
C HIS D 136 14.78 8.83 26.54
N GLU D 137 15.72 8.16 25.87
CA GLU D 137 15.71 7.96 24.39
C GLU D 137 14.54 7.05 23.99
N LYS D 138 14.07 6.24 24.91
CA LYS D 138 13.05 5.19 24.62
C LYS D 138 11.66 5.74 24.93
N ILE D 139 11.54 7.03 25.18
CA ILE D 139 10.24 7.68 25.51
C ILE D 139 10.07 8.87 24.57
N CYS D 140 8.85 9.11 24.13
CA CYS D 140 8.47 10.35 23.46
C CYS D 140 6.97 10.58 23.69
N GLY D 141 6.53 11.76 23.29
CA GLY D 141 5.11 12.16 23.36
C GLY D 141 4.68 12.67 22.00
N MET D 142 3.47 12.34 21.59
CA MET D 142 3.02 12.72 20.22
C MET D 142 2.25 14.01 20.43
N ALA D 143 2.72 15.12 19.82
CA ALA D 143 1.92 16.37 19.65
C ALA D 143 2.27 17.15 18.36
N GLY D 144 3.56 17.58 18.20
CA GLY D 144 4.01 18.53 17.17
C GLY D 144 3.55 18.16 15.74
N ILE D 145 3.44 16.87 15.46
CA ILE D 145 3.11 16.34 14.12
C ILE D 145 1.70 16.79 13.79
N LEU D 146 0.81 16.83 14.77
CA LEU D 146 -0.60 17.23 14.53
C LEU D 146 -0.65 18.70 14.13
N ASP D 147 -0.01 19.57 14.93
CA ASP D 147 0.07 21.01 14.67
C ASP D 147 0.70 21.23 13.29
N THR D 148 1.83 20.57 12.99
CA THR D 148 2.55 20.68 11.70
C THR D 148 1.62 20.29 10.55
N SER D 149 0.89 19.17 10.66
CA SER D 149 -0.03 18.69 9.60
C SER D 149 -1.09 19.77 9.32
N ARG D 150 -1.62 20.42 10.37
CA ARG D 150 -2.70 21.41 10.22
C ARG D 150 -2.15 22.69 9.55
N TYR D 151 -1.03 23.17 10.03
CA TYR D 151 -0.35 24.38 9.52
C TYR D 151 0.05 24.15 8.06
N CYS D 152 0.63 22.99 7.73
CA CYS D 152 1.09 22.68 6.36
C CYS D 152 -0.13 22.50 5.43
N SER D 153 -1.21 21.86 5.88
CA SER D 153 -2.48 21.69 5.11
C SER D 153 -3.01 23.08 4.76
N LEU D 154 -3.03 23.98 5.73
CA LEU D 154 -3.62 25.33 5.53
C LEU D 154 -2.76 26.17 4.60
N ILE D 155 -1.44 26.05 4.71
CA ILE D 155 -0.52 26.77 3.79
C ILE D 155 -0.73 26.19 2.40
N ALA D 156 -0.78 24.87 2.28
CA ALA D 156 -0.99 24.21 0.97
C ALA D 156 -2.29 24.70 0.35
N ASP D 157 -3.38 24.78 1.11
CA ASP D 157 -4.72 25.21 0.61
C ASP D 157 -4.61 26.62 0.02
N LYS D 158 -3.96 27.54 0.73
CA LYS D 158 -3.83 28.95 0.29
C LYS D 158 -2.98 29.04 -0.97
N LEU D 159 -1.90 28.26 -1.10
CA LEU D 159 -0.99 28.31 -2.27
C LEU D 159 -1.53 27.45 -3.42
N LYS D 160 -2.63 26.72 -3.23
CA LYS D 160 -3.25 25.83 -4.22
C LYS D 160 -2.21 24.77 -4.68
N VAL D 161 -1.54 24.13 -3.73
CA VAL D 161 -0.56 23.06 -3.97
C VAL D 161 -0.95 21.86 -3.11
N SER D 162 -0.47 20.70 -3.53
CA SER D 162 -0.43 19.50 -2.68
C SER D 162 0.23 19.88 -1.35
N ALA D 163 -0.20 19.23 -0.26
CA ALA D 163 0.51 19.31 1.04
C ALA D 163 1.71 18.34 1.07
N GLU D 164 1.89 17.42 0.13
CA GLU D 164 2.91 16.36 0.27
C GLU D 164 4.31 16.93 0.50
N ASP D 165 4.63 18.10 -0.06
CA ASP D 165 6.02 18.65 0.03
C ASP D 165 6.04 19.97 0.81
N VAL D 166 5.00 20.26 1.58
CA VAL D 166 4.99 21.42 2.52
C VAL D 166 5.48 20.90 3.86
N ASN D 167 6.56 21.49 4.36
CA ASN D 167 7.23 21.04 5.60
C ASN D 167 7.38 22.24 6.52
N ALA D 168 7.35 22.02 7.82
CA ALA D 168 7.56 23.13 8.79
C ALA D 168 8.07 22.60 10.11
N VAL D 169 8.85 23.41 10.79
CA VAL D 169 9.22 23.13 12.18
C VAL D 169 8.27 23.93 13.08
N ILE D 170 7.58 23.21 13.95
CA ILE D 170 6.80 23.83 15.05
C ILE D 170 7.31 23.22 16.36
N LEU D 171 7.84 24.07 17.24
CA LEU D 171 8.40 23.68 18.56
C LEU D 171 7.31 23.84 19.65
N GLY D 172 7.57 23.29 20.85
CA GLY D 172 6.72 23.40 22.06
C GLY D 172 5.50 22.47 22.01
N GLY D 173 4.40 22.84 22.67
CA GLY D 173 3.18 22.00 22.73
C GLY D 173 2.06 22.61 21.93
N HIS D 174 0.82 22.21 22.23
CA HIS D 174 -0.45 22.68 21.59
C HIS D 174 -0.78 24.08 22.11
N GLY D 175 -1.57 24.82 21.33
CA GLY D 175 -2.20 26.09 21.72
C GLY D 175 -1.20 27.17 22.04
N ASP D 176 -1.25 27.74 23.22
CA ASP D 176 -0.32 28.82 23.62
C ASP D 176 1.11 28.31 23.70
N LEU D 177 1.31 27.03 23.91
CA LEU D 177 2.68 26.44 24.04
C LEU D 177 3.38 26.39 22.66
N MET D 178 2.68 26.68 21.57
CA MET D 178 3.13 26.34 20.19
C MET D 178 4.03 27.45 19.68
N VAL D 179 5.21 27.09 19.13
CA VAL D 179 6.18 28.07 18.54
C VAL D 179 6.49 27.67 17.10
N PRO D 180 5.71 28.19 16.11
CA PRO D 180 5.92 27.84 14.70
C PRO D 180 7.06 28.69 14.16
N LEU D 181 7.87 28.15 13.25
CA LEU D 181 9.03 28.86 12.65
C LEU D 181 8.76 28.98 11.15
N GLN D 182 8.30 30.15 10.74
CA GLN D 182 8.15 30.51 9.32
C GLN D 182 9.49 30.36 8.60
N ARG D 183 10.60 30.63 9.27
CA ARG D 183 11.95 30.56 8.65
C ARG D 183 12.26 29.09 8.30
N TYR D 184 11.62 28.12 8.98
CA TYR D 184 11.86 26.68 8.75
C TYR D 184 10.56 26.07 8.20
N THR D 185 9.87 26.84 7.39
CA THR D 185 8.72 26.37 6.58
C THR D 185 9.08 26.41 5.11
N SER D 186 8.83 25.37 4.34
CA SER D 186 9.24 25.33 2.91
C SER D 186 8.19 24.55 2.11
N VAL D 187 8.12 24.89 0.84
CA VAL D 187 7.27 24.24 -0.21
C VAL D 187 8.21 23.63 -1.26
N ASN D 188 8.39 22.32 -1.17
CA ASN D 188 9.34 21.53 -1.98
C ASN D 188 10.70 22.21 -2.03
N GLY D 189 11.20 22.62 -0.86
CA GLY D 189 12.53 23.19 -0.69
C GLY D 189 12.52 24.71 -0.70
N VAL D 190 11.47 25.35 -1.23
CA VAL D 190 11.43 26.83 -1.41
C VAL D 190 10.89 27.45 -0.14
N PRO D 191 11.67 28.31 0.56
CA PRO D 191 11.18 28.93 1.79
C PRO D 191 9.83 29.63 1.59
N LEU D 192 9.00 29.58 2.62
CA LEU D 192 7.69 30.26 2.68
C LEU D 192 7.86 31.73 2.28
N SER D 193 8.91 32.39 2.75
CA SER D 193 9.12 33.85 2.54
C SER D 193 9.15 34.16 1.03
N GLU D 194 9.56 33.25 0.15
CA GLU D 194 9.53 33.49 -1.33
C GLU D 194 8.09 33.59 -1.84
N PHE D 195 7.16 32.88 -1.23
CA PHE D 195 5.72 32.94 -1.58
C PHE D 195 5.16 34.28 -1.11
N VAL D 196 5.59 34.78 0.04
CA VAL D 196 5.17 36.12 0.54
C VAL D 196 5.67 37.18 -0.46
N LYS D 197 6.95 37.11 -0.82
CA LYS D 197 7.61 37.99 -1.82
C LYS D 197 6.80 37.99 -3.12
N LYS D 198 6.29 36.84 -3.57
CA LYS D 198 5.53 36.76 -4.85
C LYS D 198 4.04 37.10 -4.65
N ASN D 199 3.61 37.50 -3.44
CA ASN D 199 2.21 37.85 -3.11
C ASN D 199 1.29 36.68 -3.44
N MET D 200 1.74 35.45 -3.16
CA MET D 200 0.86 34.26 -3.27
C MET D 200 0.22 34.00 -1.91
N ILE D 201 0.78 34.60 -0.87
CA ILE D 201 0.24 34.55 0.51
C ILE D 201 0.78 35.77 1.26
N SER D 202 0.00 36.35 2.16
CA SER D 202 0.39 37.56 2.94
C SER D 202 0.83 37.14 4.34
N GLN D 203 1.58 37.99 5.04
CA GLN D 203 1.96 37.72 6.45
C GLN D 203 0.67 37.63 7.30
N ASN D 204 -0.38 38.40 6.96
CA ASN D 204 -1.66 38.35 7.70
C ASN D 204 -2.29 36.96 7.53
N GLU D 205 -2.21 36.42 6.31
CA GLU D 205 -2.79 35.09 6.04
C GLU D 205 -2.00 34.06 6.85
N ILE D 206 -0.69 34.21 6.96
CA ILE D 206 0.13 33.25 7.73
C ILE D 206 -0.23 33.33 9.22
N GLN D 207 -0.40 34.55 9.76
CA GLN D 207 -0.79 34.72 11.19
C GLN D 207 -2.16 34.06 11.41
N GLU D 208 -3.07 34.20 10.46
CA GLU D 208 -4.44 33.66 10.60
C GLU D 208 -4.34 32.12 10.61
N ILE D 209 -3.51 31.57 9.73
CA ILE D 209 -3.23 30.11 9.68
C ILE D 209 -2.64 29.64 11.01
N ILE D 210 -1.71 30.40 11.61
CA ILE D 210 -1.10 30.02 12.92
C ILE D 210 -2.21 30.00 14.01
N GLN D 211 -3.13 30.96 14.00
CA GLN D 211 -4.24 31.01 14.99
C GLN D 211 -5.21 29.86 14.77
N LYS D 212 -5.60 29.60 13.55
CA LYS D 212 -6.44 28.39 13.26
C LYS D 212 -5.72 27.13 13.74
N THR D 213 -4.39 27.06 13.59
CA THR D 213 -3.64 25.86 14.03
C THR D 213 -3.75 25.76 15.56
N ARG D 214 -3.52 26.84 16.27
CA ARG D 214 -3.56 26.82 17.77
C ARG D 214 -4.94 26.31 18.25
N ASN D 215 -6.00 26.70 17.56
CA ASN D 215 -7.41 26.53 17.98
C ASN D 215 -8.03 25.26 17.38
N MET D 216 -7.29 24.50 16.58
CA MET D 216 -7.90 23.42 15.75
C MET D 216 -8.52 22.33 16.63
N GLY D 217 -7.77 21.90 17.65
CA GLY D 217 -8.23 20.90 18.61
C GLY D 217 -9.61 21.24 19.16
N ALA D 218 -9.77 22.48 19.66
CA ALA D 218 -11.03 22.95 20.26
C ALA D 218 -12.09 23.05 19.15
N GLU D 219 -11.71 23.40 17.92
CA GLU D 219 -12.69 23.54 16.82
C GLU D 219 -13.30 22.16 16.48
N ILE D 220 -12.47 21.14 16.38
CA ILE D 220 -12.93 19.75 16.12
C ILE D 220 -13.82 19.29 17.28
N ILE D 221 -13.43 19.56 18.53
CA ILE D 221 -14.23 19.24 19.73
C ILE D 221 -15.58 19.93 19.61
N LYS D 222 -15.61 21.19 19.21
CA LYS D 222 -16.87 21.97 19.13
C LYS D 222 -17.76 21.43 18.00
N LEU D 223 -17.22 20.96 16.89
CA LEU D 223 -18.01 20.48 15.74
C LEU D 223 -18.43 19.02 15.92
N ALA D 224 -17.46 18.15 16.21
CA ALA D 224 -17.66 16.68 16.23
C ALA D 224 -18.12 16.25 17.64
N LYS D 225 -18.13 17.12 18.64
CA LYS D 225 -18.47 16.75 20.05
C LYS D 225 -17.56 15.61 20.51
N ALA D 226 -16.34 15.56 20.01
CA ALA D 226 -15.30 14.56 20.33
C ALA D 226 -13.95 15.12 19.89
N SER D 227 -12.86 14.73 20.52
CA SER D 227 -11.53 15.22 20.12
C SER D 227 -11.07 14.42 18.92
N ALA D 228 -10.15 15.02 18.19
CA ALA D 228 -9.51 14.43 17.00
C ALA D 228 -9.08 12.98 17.34
N ALA D 229 -9.23 12.04 16.41
CA ALA D 229 -8.81 10.63 16.61
C ALA D 229 -8.02 10.12 15.41
N PHE D 230 -8.47 10.35 14.18
CA PHE D 230 -7.80 9.82 12.95
C PHE D 230 -6.40 10.41 12.82
N ALA D 231 -6.26 11.74 12.89
CA ALA D 231 -4.95 12.39 12.66
C ALA D 231 -3.98 12.05 13.77
N PRO D 232 -4.37 12.10 15.07
CA PRO D 232 -3.48 11.64 16.13
C PRO D 232 -2.98 10.20 15.90
N ALA D 233 -3.87 9.29 15.48
CA ALA D 233 -3.53 7.89 15.21
C ALA D 233 -2.51 7.83 14.08
N ALA D 234 -2.73 8.58 12.99
CA ALA D 234 -1.77 8.59 11.87
C ALA D 234 -0.40 9.06 12.37
N ALA D 235 -0.36 10.09 13.22
CA ALA D 235 0.92 10.67 13.71
C ALA D 235 1.64 9.62 14.53
N ILE D 236 0.89 8.94 15.40
CA ILE D 236 1.45 7.88 16.27
C ILE D 236 2.01 6.74 15.40
N THR D 237 1.27 6.32 14.38
CA THR D 237 1.68 5.20 13.51
C THR D 237 2.94 5.59 12.74
N LYS D 238 3.06 6.82 12.28
CA LYS D 238 4.33 7.28 11.65
C LYS D 238 5.51 7.10 12.61
N MET D 239 5.33 7.45 13.89
CA MET D 239 6.43 7.40 14.87
C MET D 239 6.79 5.95 15.14
N ILE D 240 5.78 5.09 15.24
CA ILE D 240 5.99 3.64 15.41
C ILE D 240 6.87 3.12 14.26
N LYS D 241 6.46 3.40 13.05
CA LYS D 241 7.14 2.93 11.80
C LYS D 241 8.59 3.42 11.78
N SER D 242 8.84 4.66 12.14
CA SER D 242 10.22 5.20 12.18
C SER D 242 11.12 4.38 13.15
N TYR D 243 10.61 4.00 14.30
CA TYR D 243 11.36 3.22 15.30
C TYR D 243 11.58 1.78 14.79
N LEU D 244 10.51 1.10 14.41
CA LEU D 244 10.55 -0.32 13.99
C LEU D 244 11.43 -0.50 12.76
N TYR D 245 11.35 0.39 11.79
CA TYR D 245 12.13 0.24 10.51
C TYR D 245 13.40 1.09 10.54
N ASN D 246 13.77 1.64 11.69
CA ASN D 246 15.07 2.35 11.86
C ASN D 246 15.15 3.43 10.78
N GLU D 247 14.17 4.32 10.67
CA GLU D 247 14.05 5.15 9.45
C GLU D 247 14.79 6.49 9.59
N ASN D 248 15.06 6.95 10.81
CA ASN D 248 15.58 8.32 11.06
C ASN D 248 14.68 9.36 10.40
N ASN D 249 13.37 9.15 10.42
CA ASN D 249 12.39 10.17 10.02
C ASN D 249 12.41 11.27 11.09
N LEU D 250 12.04 12.46 10.65
CA LEU D 250 12.16 13.73 11.41
C LEU D 250 10.77 14.16 11.86
N PHE D 251 10.65 14.60 13.09
CA PHE D 251 9.37 14.93 13.72
C PHE D 251 9.64 16.04 14.72
N THR D 252 8.61 16.81 15.01
CA THR D 252 8.53 17.54 16.29
C THR D 252 7.64 16.66 17.15
N CYS D 253 8.15 16.18 18.24
CA CYS D 253 7.41 15.34 19.20
C CYS D 253 8.01 15.75 20.51
N ALA D 254 7.39 15.38 21.62
CA ALA D 254 7.97 15.63 22.94
C ALA D 254 9.14 14.67 23.01
N VAL D 255 10.31 15.25 23.25
CA VAL D 255 11.59 14.52 23.29
C VAL D 255 12.39 15.10 24.44
N TYR D 256 13.26 14.29 25.03
CA TYR D 256 14.09 14.76 26.16
C TYR D 256 15.19 15.70 25.63
N LEU D 257 15.13 16.94 26.07
CA LEU D 257 16.21 17.91 25.79
C LEU D 257 17.34 17.71 26.81
N ASN D 258 18.56 17.75 26.31
CA ASN D 258 19.76 17.45 27.15
C ASN D 258 20.82 18.51 26.84
N GLY D 259 20.49 19.78 27.02
CA GLY D 259 21.35 20.94 26.71
C GLY D 259 20.84 21.72 25.51
N HIS D 260 20.07 21.07 24.67
CA HIS D 260 19.43 21.66 23.46
C HIS D 260 18.53 22.85 23.84
N TYR D 261 18.69 23.94 23.08
CA TYR D 261 17.77 25.10 23.13
C TYR D 261 17.73 25.65 24.58
N ASN D 262 18.88 25.63 25.25
CA ASN D 262 19.09 26.14 26.62
C ASN D 262 18.28 25.34 27.65
N CYS D 263 18.00 24.07 27.40
CA CYS D 263 17.11 23.24 28.24
C CYS D 263 17.76 21.86 28.42
N SER D 264 17.80 21.33 29.64
CA SER D 264 18.05 19.91 29.89
C SER D 264 17.05 19.37 30.91
N ASN D 265 16.92 18.05 30.92
CA ASN D 265 16.16 17.32 31.96
C ASN D 265 14.66 17.64 31.86
N LEU D 266 14.12 17.78 30.67
CA LEU D 266 12.66 17.98 30.44
C LEU D 266 12.31 17.41 29.07
N PHE D 267 11.15 16.75 28.96
CA PHE D 267 10.55 16.45 27.66
C PHE D 267 9.71 17.64 27.23
N VAL D 268 9.94 18.07 26.01
CA VAL D 268 9.26 19.25 25.41
C VAL D 268 9.16 18.96 23.90
N GLY D 269 8.18 19.50 23.23
CA GLY D 269 8.09 19.43 21.77
C GLY D 269 9.29 20.06 21.13
N SER D 270 10.02 19.30 20.33
CA SER D 270 11.28 19.77 19.73
C SER D 270 11.59 19.01 18.45
N THR D 271 12.60 19.47 17.74
CA THR D 271 13.14 18.81 16.52
C THR D 271 13.86 17.53 16.94
N ALA D 272 13.43 16.40 16.39
CA ALA D 272 13.97 15.07 16.77
C ALA D 272 13.96 14.15 15.55
N LYS D 273 14.74 13.12 15.64
CA LYS D 273 14.61 12.01 14.68
C LYS D 273 14.37 10.74 15.50
N ILE D 274 13.68 9.81 14.86
CA ILE D 274 13.35 8.50 15.47
C ILE D 274 13.99 7.38 14.63
N ASN D 275 14.73 6.50 15.29
CA ASN D 275 15.35 5.31 14.70
C ASN D 275 15.21 4.19 15.75
N ASN D 276 15.81 3.02 15.50
CA ASN D 276 15.55 1.84 16.37
C ASN D 276 16.25 2.03 17.72
N LYS D 277 16.98 3.12 17.94
CA LYS D 277 17.56 3.43 19.29
C LYS D 277 16.65 4.44 20.02
N GLY D 278 15.60 4.95 19.36
CA GLY D 278 14.64 5.85 20.04
C GLY D 278 14.52 7.20 19.35
N ALA D 279 14.25 8.20 20.16
CA ALA D 279 13.90 9.57 19.79
C ALA D 279 15.00 10.49 20.30
N HIS D 280 15.68 11.22 19.41
CA HIS D 280 16.94 11.95 19.67
C HIS D 280 16.72 13.41 19.25
N PRO D 281 16.95 14.38 20.16
CA PRO D 281 16.78 15.77 19.78
C PRO D 281 17.94 16.20 18.89
N VAL D 282 17.73 17.27 18.15
CA VAL D 282 18.81 18.05 17.50
C VAL D 282 18.49 19.53 17.72
N GLU D 283 19.54 20.34 17.82
CA GLU D 283 19.39 21.79 17.99
C GLU D 283 19.67 22.50 16.66
N PHE D 284 18.81 23.42 16.23
CA PHE D 284 19.09 24.33 15.09
C PHE D 284 19.28 25.74 15.59
N PRO D 285 20.01 26.60 14.85
CA PRO D 285 20.23 28.00 15.26
C PRO D 285 18.94 28.81 15.17
N LEU D 286 18.37 29.16 16.32
CA LEU D 286 17.23 30.07 16.41
C LEU D 286 17.77 31.50 16.53
N THR D 287 17.03 32.46 16.01
CA THR D 287 17.22 33.88 16.33
C THR D 287 16.91 34.04 17.83
N LYS D 288 17.26 35.18 18.39
CA LYS D 288 17.04 35.49 19.82
C LYS D 288 15.53 35.53 20.10
N GLU D 289 14.73 36.11 19.20
CA GLU D 289 13.26 36.22 19.39
C GLU D 289 12.62 34.80 19.34
N GLU D 290 13.03 33.96 18.40
CA GLU D 290 12.53 32.56 18.25
C GLU D 290 12.86 31.78 19.55
N GLN D 291 14.09 31.92 20.07
CA GLN D 291 14.59 31.18 21.28
C GLN D 291 13.86 31.75 22.52
N ASP D 292 13.62 33.05 22.58
CA ASP D 292 12.87 33.63 23.72
C ASP D 292 11.45 33.04 23.75
N LEU D 293 10.79 32.94 22.61
CA LEU D 293 9.43 32.35 22.54
C LEU D 293 9.48 30.88 23.01
N TYR D 294 10.44 30.11 22.52
CA TYR D 294 10.63 28.69 22.90
C TYR D 294 10.89 28.57 24.40
N THR D 295 11.80 29.39 24.95
CA THR D 295 12.18 29.36 26.38
C THR D 295 10.93 29.64 27.22
N GLU D 296 10.09 30.56 26.77
CA GLU D 296 8.81 30.85 27.48
C GLU D 296 7.91 29.60 27.46
N SER D 297 7.78 28.92 26.31
CA SER D 297 7.01 27.66 26.18
C SER D 297 7.59 26.60 27.14
N ILE D 298 8.91 26.49 27.15
CA ILE D 298 9.63 25.49 27.99
C ILE D 298 9.36 25.79 29.46
N ALA D 299 9.42 27.05 29.88
CA ALA D 299 9.17 27.46 31.29
C ALA D 299 7.74 27.07 31.73
N SER D 300 6.76 27.20 30.84
CA SER D 300 5.35 26.80 31.09
C SER D 300 5.24 25.28 31.28
N VAL D 301 5.89 24.48 30.44
CA VAL D 301 5.92 22.99 30.57
C VAL D 301 6.62 22.61 31.88
N GLN D 302 7.77 23.21 32.17
CA GLN D 302 8.54 22.99 33.42
C GLN D 302 7.59 23.25 34.60
N SER D 303 6.93 24.40 34.58
CA SER D 303 6.06 24.89 35.69
C SER D 303 4.89 23.93 35.88
N ASN D 304 4.25 23.51 34.79
CA ASN D 304 3.04 22.63 34.82
C ASN D 304 3.47 21.22 35.26
N THR D 305 4.63 20.75 34.81
CA THR D 305 5.14 19.40 35.14
C THR D 305 5.42 19.38 36.65
N GLN D 306 6.08 20.41 37.18
CA GLN D 306 6.33 20.52 38.64
C GLN D 306 4.97 20.47 39.37
N LYS D 307 3.97 21.23 38.91
CA LYS D 307 2.62 21.28 39.55
C LYS D 307 2.05 19.88 39.55
N ALA D 308 2.21 19.17 38.45
CA ALA D 308 1.63 17.83 38.28
C ALA D 308 2.27 16.86 39.26
N PHE D 309 3.59 16.92 39.46
CA PHE D 309 4.31 15.98 40.36
C PHE D 309 3.79 16.21 41.76
N ASP D 310 3.59 17.48 42.15
CA ASP D 310 3.04 17.86 43.49
C ASP D 310 1.61 17.30 43.63
N LEU D 311 0.73 17.55 42.65
CA LEU D 311 -0.70 17.04 42.68
C LEU D 311 -0.65 15.53 42.84
N ILE D 312 0.09 14.84 41.98
CA ILE D 312 0.42 13.41 42.17
C ILE D 312 1.28 13.36 43.43
#